data_8Z9X
#
_entry.id   8Z9X
#
_cell.length_a   1.00
_cell.length_b   1.00
_cell.length_c   1.00
_cell.angle_alpha   90.00
_cell.angle_beta   90.00
_cell.angle_gamma   90.00
#
_symmetry.space_group_name_H-M   'P 1'
#
loop_
_entity.id
_entity.type
_entity.pdbx_description
1 polymer 'ATP-binding cassette sub-family D member 3'
2 non-polymer phytanoyl-CoA
#
_entity_poly.entity_id   1
_entity_poly.type   'polypeptide(L)'
_entity_poly.pdbx_seq_one_letter_code
;MDYKDDDDKAVFSKLQLLGQAIPPKQYAPGVVGMLAVFALIKLYKQDIRGTKHLVAKTKEGKKERAVVDKVFFSRLIQIL
KIMVPRTFCKETGYLVLIAVMLVSRTYCDVWMIQNGTLIESGIIGRSRKDFKRYLLNFIAAMPLISLVNNFLKYGLNELK
LCFRVRLTKYLYEEYLQAFTYYKMGNLDNRIANPDQLLTQDVEKFCNSVVDLYSNLSKPFLDIVLYIFKLTSAIGAQGPA
SMMAYLVVSGLFLTRLRRPIGKMTITEQKYEGEYRYVNSRLITNSEEIAFYNGNKREKQTVHSVFRKLVEHLHNFILFRF
SMGFIDSIIAKYLATVVGYLVVSRPFLDLSHPRHLKSTHSELLEDYYQSGRMLLRMSQALGRIVLAGREMTRLAGFTARI
TELMQVLKDLNHGKYERTMVSQQEKGIEGVQVIPLIPGAGEIIIADNIIKFDHVPLATPNGDVLIRDLNFEVRSGANVLI
CGPNGCGKSSLFRVLGELWPLFGGRLTKPERGKLFYVPQRPYMTLGTLRDQVIYPDGREDQKRKGISDLVLKEYLDNVQL
GHILEREGGWDSVQDWMDVLSGGEKQRMAMARLFYHKPQFAILDECTSAVSVDVEGYIYSHCRKVGITLFTVSHRKSLWK
HHEYYLHMDGRGNYEFKQITEDTVEFGS
;
_entity_poly.pdbx_strand_id   B,A
#
loop_
_chem_comp.id
_chem_comp.type
_chem_comp.name
_chem_comp.formula
A1L1A non-polymer phytanoyl-CoA 'C41 H74 N7 O17 P3 S'
#
# COMPACT_ATOMS: atom_id res chain seq x y z
N ASP A 69 -7.21 20.16 19.88
CA ASP A 69 -5.78 20.00 19.75
C ASP A 69 -5.06 21.30 20.12
N LYS A 70 -4.79 21.46 21.41
CA LYS A 70 -4.15 22.68 21.89
C LYS A 70 -2.63 22.59 21.77
N VAL A 71 -2.06 21.45 22.16
CA VAL A 71 -0.61 21.27 22.05
C VAL A 71 -0.14 21.07 20.62
N PHE A 72 -1.05 20.77 19.70
CA PHE A 72 -0.66 20.60 18.31
C PHE A 72 -0.09 21.90 17.74
N PHE A 73 -0.70 23.03 18.07
CA PHE A 73 -0.17 24.31 17.62
C PHE A 73 1.19 24.59 18.25
N SER A 74 1.34 24.26 19.53
CA SER A 74 2.62 24.48 20.21
C SER A 74 3.72 23.61 19.59
N ARG A 75 3.41 22.36 19.29
CA ARG A 75 4.40 21.48 18.66
C ARG A 75 4.70 21.92 17.23
N LEU A 76 3.68 22.37 16.50
CA LEU A 76 3.88 22.80 15.12
C LEU A 76 4.78 24.02 15.04
N ILE A 77 4.75 24.89 16.06
CA ILE A 77 5.60 26.08 16.06
C ILE A 77 7.06 25.68 16.13
N GLN A 78 7.39 24.69 16.97
CA GLN A 78 8.78 24.26 17.10
C GLN A 78 9.32 23.71 15.79
N ILE A 79 8.52 22.93 15.07
CA ILE A 79 8.95 22.45 13.76
C ILE A 79 9.06 23.59 12.77
N LEU A 80 8.16 24.58 12.88
CA LEU A 80 8.19 25.71 11.95
C LEU A 80 9.48 26.51 12.10
N LYS A 81 9.93 26.73 13.34
CA LYS A 81 11.17 27.46 13.55
C LYS A 81 12.37 26.74 12.94
N ILE A 82 12.28 25.42 12.80
CA ILE A 82 13.33 24.67 12.10
C ILE A 82 13.29 24.96 10.61
N MET A 83 12.09 24.98 10.02
CA MET A 83 11.96 25.19 8.58
C MET A 83 11.93 26.66 8.18
N VAL A 84 11.77 27.57 9.13
CA VAL A 84 11.88 29.00 8.87
C VAL A 84 12.88 29.58 9.88
N PRO A 85 14.18 29.40 9.67
CA PRO A 85 15.16 29.75 10.71
C PRO A 85 15.18 31.23 11.04
N ARG A 86 15.43 32.05 10.04
CA ARG A 86 15.60 33.49 10.20
C ARG A 86 14.51 34.23 9.44
N THR A 87 14.52 35.55 9.56
CA THR A 87 13.55 36.41 8.88
C THR A 87 14.01 36.86 7.51
N PHE A 88 15.17 36.38 7.04
CA PHE A 88 15.69 36.72 5.71
C PHE A 88 16.23 35.43 5.09
N CYS A 89 15.36 34.71 4.38
CA CYS A 89 15.74 33.49 3.70
C CYS A 89 14.74 33.24 2.58
N LYS A 90 15.07 32.29 1.71
CA LYS A 90 14.19 31.99 0.58
C LYS A 90 12.83 31.51 1.03
N GLU A 91 12.78 30.75 2.12
CA GLU A 91 11.50 30.28 2.65
C GLU A 91 10.64 31.45 3.12
N THR A 92 11.27 32.46 3.72
CA THR A 92 10.54 33.69 4.03
C THR A 92 10.18 34.46 2.77
N GLY A 93 11.06 34.41 1.76
CA GLY A 93 10.75 35.05 0.50
C GLY A 93 9.60 34.41 -0.23
N TYR A 94 9.53 33.07 -0.21
CA TYR A 94 8.43 32.38 -0.87
C TYR A 94 7.12 32.60 -0.12
N LEU A 95 7.18 32.70 1.21
CA LEU A 95 5.96 32.92 1.99
C LEU A 95 5.32 34.26 1.64
N VAL A 96 6.14 35.30 1.47
CA VAL A 96 5.62 36.60 1.05
C VAL A 96 5.16 36.54 -0.40
N LEU A 97 5.88 35.82 -1.25
CA LEU A 97 5.50 35.71 -2.65
C LEU A 97 4.17 34.99 -2.81
N ILE A 98 3.96 33.92 -2.06
CA ILE A 98 2.67 33.20 -2.11
C ILE A 98 1.55 34.10 -1.61
N ALA A 99 1.80 34.84 -0.52
CA ALA A 99 0.78 35.72 0.03
C ALA A 99 0.44 36.83 -0.95
N VAL A 100 1.44 37.33 -1.68
CA VAL A 100 1.18 38.36 -2.68
C VAL A 100 0.36 37.80 -3.83
N MET A 101 0.70 36.58 -4.28
CA MET A 101 -0.05 35.95 -5.37
C MET A 101 -1.35 35.32 -4.89
N LEU A 102 -1.55 35.18 -3.58
CA LEU A 102 -2.87 34.78 -3.08
C LEU A 102 -3.84 35.95 -3.13
N VAL A 103 -3.37 37.15 -2.81
CA VAL A 103 -4.21 38.33 -2.90
C VAL A 103 -4.49 38.69 -4.35
N SER A 104 -3.45 38.64 -5.20
CA SER A 104 -3.62 39.01 -6.60
C SER A 104 -4.35 37.95 -7.41
N ARG A 105 -4.47 36.74 -6.88
CA ARG A 105 -5.27 35.72 -7.56
C ARG A 105 -6.76 35.96 -7.35
N THR A 106 -7.14 36.47 -6.18
CA THR A 106 -8.54 36.79 -5.94
C THR A 106 -8.99 37.97 -6.79
N TYR A 107 -8.13 38.99 -6.93
CA TYR A 107 -8.48 40.12 -7.78
C TYR A 107 -8.63 39.68 -9.23
N CYS A 108 -7.76 38.80 -9.70
CA CYS A 108 -7.89 38.29 -11.06
C CYS A 108 -9.16 37.46 -11.22
N ASP A 109 -9.59 36.78 -10.17
CA ASP A 109 -10.82 35.99 -10.26
C ASP A 109 -12.05 36.89 -10.29
N VAL A 110 -12.03 37.99 -9.53
CA VAL A 110 -13.15 38.93 -9.56
C VAL A 110 -13.18 39.69 -10.88
N TRP A 111 -12.01 40.07 -11.39
CA TRP A 111 -11.95 40.79 -12.65
C TRP A 111 -12.54 39.96 -13.79
N MET A 112 -12.30 38.65 -13.76
CA MET A 112 -12.93 37.77 -14.75
C MET A 112 -14.44 37.71 -14.56
N ILE A 113 -14.91 37.81 -13.31
CA ILE A 113 -16.35 37.83 -13.06
C ILE A 113 -16.96 39.09 -13.67
N GLN A 114 -16.33 40.25 -13.44
CA GLN A 114 -16.88 41.50 -13.95
C GLN A 114 -16.73 41.59 -15.46
N ASN A 115 -15.55 41.23 -15.98
CA ASN A 115 -15.33 41.31 -17.42
C ASN A 115 -16.13 40.25 -18.17
N GLY A 116 -16.28 39.07 -17.57
CA GLY A 116 -17.00 38.00 -18.24
C GLY A 116 -18.45 38.35 -18.52
N THR A 117 -19.10 39.05 -17.58
CA THR A 117 -20.49 39.45 -17.77
C THR A 117 -20.62 40.68 -18.66
N LEU A 118 -19.52 41.30 -19.04
CA LEU A 118 -19.56 42.42 -19.97
C LEU A 118 -19.33 41.98 -21.41
N ILE A 119 -18.62 40.86 -21.62
CA ILE A 119 -18.62 40.23 -22.92
C ILE A 119 -20.01 39.70 -23.24
N GLU A 120 -20.66 39.08 -22.25
CA GLU A 120 -21.97 38.47 -22.47
C GLU A 120 -23.04 39.53 -22.68
N SER A 121 -22.93 40.67 -22.00
CA SER A 121 -23.89 41.75 -22.19
C SER A 121 -23.74 42.37 -23.58
N GLY A 122 -22.49 42.45 -24.07
CA GLY A 122 -22.29 42.97 -25.41
C GLY A 122 -22.74 42.02 -26.50
N ILE A 123 -22.71 40.71 -26.23
CA ILE A 123 -23.20 39.73 -27.20
C ILE A 123 -24.70 39.88 -27.39
N ILE A 124 -25.45 39.92 -26.28
CA ILE A 124 -26.91 40.01 -26.35
C ILE A 124 -27.43 41.42 -26.40
N GLY A 125 -26.57 42.42 -26.18
CA GLY A 125 -26.90 43.76 -26.62
C GLY A 125 -26.75 43.96 -28.11
N ARG A 126 -26.23 42.93 -28.80
CA ARG A 126 -26.09 42.91 -30.25
C ARG A 126 -25.23 44.05 -30.76
N SER A 127 -24.23 44.45 -29.97
CA SER A 127 -23.26 45.46 -30.37
C SER A 127 -21.92 44.78 -30.59
N ARG A 128 -21.41 44.86 -31.82
CA ARG A 128 -20.09 44.30 -32.10
C ARG A 128 -18.98 45.13 -31.48
N LYS A 129 -19.23 46.43 -31.28
CA LYS A 129 -18.24 47.28 -30.61
C LYS A 129 -18.04 46.85 -29.17
N ASP A 130 -19.13 46.55 -28.46
CA ASP A 130 -19.00 46.14 -27.06
C ASP A 130 -18.43 44.74 -26.93
N PHE A 131 -18.76 43.85 -27.86
CA PHE A 131 -18.21 42.51 -27.82
C PHE A 131 -16.70 42.52 -28.05
N LYS A 132 -16.25 43.31 -29.02
CA LYS A 132 -14.81 43.41 -29.29
C LYS A 132 -14.09 44.13 -28.16
N ARG A 133 -14.72 45.15 -27.59
CA ARG A 133 -14.06 45.93 -26.55
C ARG A 133 -13.74 45.09 -25.33
N TYR A 134 -14.66 44.20 -24.93
CA TYR A 134 -14.49 43.43 -23.72
C TYR A 134 -13.87 42.06 -23.96
N LEU A 135 -13.91 41.56 -25.21
CA LEU A 135 -13.18 40.34 -25.51
C LEU A 135 -11.68 40.61 -25.61
N LEU A 136 -11.30 41.78 -26.14
CA LEU A 136 -9.89 42.10 -26.25
C LEU A 136 -9.27 42.40 -24.89
N ASN A 137 -10.07 42.91 -23.94
CA ASN A 137 -9.59 43.05 -22.57
C ASN A 137 -9.29 41.69 -21.96
N PHE A 138 -10.15 40.71 -22.24
CA PHE A 138 -9.89 39.35 -21.76
C PHE A 138 -8.67 38.76 -22.42
N ILE A 139 -8.51 38.96 -23.73
CA ILE A 139 -7.36 38.41 -24.44
C ILE A 139 -6.07 39.06 -23.98
N ALA A 140 -6.10 40.37 -23.73
CA ALA A 140 -4.90 41.07 -23.29
C ALA A 140 -4.50 40.66 -21.87
N ALA A 141 -5.49 40.40 -21.02
CA ALA A 141 -5.22 40.13 -19.61
C ALA A 141 -5.04 38.67 -19.28
N MET A 142 -5.27 37.76 -20.22
CA MET A 142 -5.13 36.34 -19.92
C MET A 142 -3.66 35.89 -19.79
N PRO A 143 -2.68 36.49 -20.49
CA PRO A 143 -1.29 36.16 -20.16
C PRO A 143 -0.91 36.53 -18.74
N LEU A 144 -1.45 37.64 -18.22
CA LEU A 144 -1.17 38.03 -16.85
C LEU A 144 -1.96 37.21 -15.85
N ILE A 145 -3.21 36.86 -16.19
CA ILE A 145 -4.01 36.03 -15.29
C ILE A 145 -3.37 34.64 -15.16
N SER A 146 -2.97 34.06 -16.29
CA SER A 146 -2.34 32.74 -16.23
C SER A 146 -1.02 32.80 -15.49
N LEU A 147 -0.32 33.92 -15.56
CA LEU A 147 0.93 34.07 -14.82
C LEU A 147 0.68 34.06 -13.31
N VAL A 148 -0.41 34.69 -12.86
CA VAL A 148 -0.67 34.78 -11.42
C VAL A 148 -1.04 33.42 -10.85
N ASN A 149 -1.95 32.71 -11.50
CA ASN A 149 -2.39 31.41 -10.98
C ASN A 149 -1.28 30.37 -11.06
N ASN A 150 -0.40 30.51 -12.04
CA ASN A 150 0.61 29.48 -12.28
C ASN A 150 1.93 29.78 -11.59
N PHE A 151 2.18 31.05 -11.26
CA PHE A 151 3.33 31.40 -10.44
C PHE A 151 3.01 31.28 -8.96
N LEU A 152 1.74 31.18 -8.60
CA LEU A 152 1.36 30.84 -7.23
C LEU A 152 1.59 29.36 -6.96
N LYS A 153 1.26 28.49 -7.91
CA LYS A 153 1.50 27.07 -7.74
C LYS A 153 2.99 26.76 -7.75
N TYR A 154 3.77 27.53 -8.52
CA TYR A 154 5.21 27.37 -8.47
C TYR A 154 5.77 27.75 -7.11
N GLY A 155 5.24 28.84 -6.52
CA GLY A 155 5.70 29.23 -5.20
C GLY A 155 5.31 28.23 -4.12
N LEU A 156 4.15 27.60 -4.26
CA LEU A 156 3.75 26.59 -3.29
C LEU A 156 4.64 25.35 -3.39
N ASN A 157 4.87 24.86 -4.61
CA ASN A 157 5.70 23.68 -4.79
C ASN A 157 7.13 23.93 -4.34
N GLU A 158 7.67 25.11 -4.64
CA GLU A 158 9.04 25.42 -4.24
C GLU A 158 9.14 25.54 -2.73
N LEU A 159 8.08 25.99 -2.06
CA LEU A 159 8.08 26.05 -0.61
C LEU A 159 7.99 24.66 0.01
N LYS A 160 7.24 23.75 -0.63
CA LYS A 160 7.21 22.37 -0.16
C LYS A 160 8.58 21.73 -0.22
N LEU A 161 9.32 21.99 -1.30
CA LEU A 161 10.67 21.44 -1.42
C LEU A 161 11.63 22.11 -0.44
N CYS A 162 11.55 23.43 -0.29
CA CYS A 162 12.44 24.12 0.64
C CYS A 162 12.16 23.72 2.08
N PHE A 163 10.89 23.43 2.40
CA PHE A 163 10.56 22.96 3.73
C PHE A 163 11.13 21.56 3.99
N ARG A 164 11.04 20.67 2.99
CA ARG A 164 11.55 19.31 3.15
C ARG A 164 13.05 19.30 3.32
N VAL A 165 13.76 20.14 2.55
CA VAL A 165 15.21 20.20 2.67
C VAL A 165 15.61 20.76 4.03
N ARG A 166 14.89 21.75 4.53
CA ARG A 166 15.22 22.35 5.81
C ARG A 166 15.02 21.36 6.96
N LEU A 167 13.95 20.55 6.89
CA LEU A 167 13.72 19.56 7.93
C LEU A 167 14.70 18.41 7.83
N THR A 168 14.97 17.93 6.63
CA THR A 168 15.86 16.78 6.45
C THR A 168 17.26 17.09 6.94
N LYS A 169 17.76 18.29 6.65
CA LYS A 169 19.08 18.68 7.14
C LYS A 169 19.12 18.87 8.64
N TYR A 170 17.98 18.89 9.32
CA TYR A 170 17.93 18.92 10.77
C TYR A 170 17.69 17.55 11.39
N LEU A 171 16.93 16.70 10.71
CA LEU A 171 16.66 15.35 11.20
C LEU A 171 17.78 14.37 10.89
N TYR A 172 18.82 14.80 10.17
CA TYR A 172 19.94 13.94 9.85
C TYR A 172 21.24 14.33 10.52
N GLU A 173 21.33 15.54 11.10
CA GLU A 173 22.45 15.82 11.98
C GLU A 173 22.25 15.16 13.34
N GLU A 174 21.01 15.07 13.80
CA GLU A 174 20.72 14.35 15.04
C GLU A 174 20.75 12.84 14.82
N TYR A 175 20.25 12.37 13.69
CA TYR A 175 20.19 10.94 13.42
C TYR A 175 21.58 10.34 13.28
N LEU A 176 22.41 10.92 12.42
CA LEU A 176 23.76 10.42 12.18
C LEU A 176 24.79 11.22 12.97
N GLN A 177 24.62 11.28 14.29
CA GLN A 177 25.54 12.07 15.11
C GLN A 177 26.67 11.21 15.69
N ALA A 178 26.35 10.28 16.57
CA ALA A 178 27.33 9.33 17.07
C ALA A 178 26.92 7.88 16.84
N PHE A 179 25.87 7.38 17.46
CA PHE A 179 25.53 5.98 17.12
C PHE A 179 24.03 5.86 16.94
N THR A 180 23.36 7.02 16.86
CA THR A 180 21.90 7.04 16.84
C THR A 180 21.27 6.34 15.66
N TYR A 181 21.89 6.11 14.51
CA TYR A 181 21.14 5.28 13.53
C TYR A 181 21.00 3.91 14.17
N TYR A 182 21.93 3.56 15.08
CA TYR A 182 21.95 2.21 15.62
C TYR A 182 21.14 2.07 16.90
N LYS A 183 21.32 3.01 17.84
CA LYS A 183 20.58 2.93 19.10
C LYS A 183 19.08 3.01 18.87
N MET A 184 18.65 3.95 18.01
CA MET A 184 17.21 4.16 17.84
C MET A 184 16.53 2.98 17.15
N GLY A 185 17.29 2.16 16.45
CA GLY A 185 16.69 1.04 15.73
C GLY A 185 16.78 -0.29 16.44
N ASN A 186 17.96 -0.61 16.98
CA ASN A 186 18.21 -1.92 17.57
C ASN A 186 18.53 -1.86 19.05
N LEU A 187 18.24 -0.73 19.70
CA LEU A 187 18.45 -0.60 21.14
C LEU A 187 17.27 -0.02 21.89
N ASP A 188 16.36 0.69 21.22
CA ASP A 188 15.10 1.11 21.80
C ASP A 188 13.97 0.81 20.82
N ASN A 189 12.73 0.83 21.32
CA ASN A 189 11.57 0.44 20.53
C ASN A 189 10.56 1.57 20.37
N ARG A 190 11.00 2.82 20.53
CA ARG A 190 10.08 3.95 20.39
C ARG A 190 9.56 4.07 18.97
N ILE A 191 10.42 3.92 17.97
CA ILE A 191 10.04 4.01 16.56
C ILE A 191 10.28 2.66 15.91
N ALA A 192 9.24 2.09 15.31
CA ALA A 192 9.36 0.78 14.69
C ALA A 192 10.14 0.84 13.38
N ASN A 193 9.90 1.87 12.56
CA ASN A 193 10.54 2.01 11.26
C ASN A 193 11.22 3.37 11.18
N PRO A 194 12.46 3.46 11.65
CA PRO A 194 13.19 4.74 11.53
C PRO A 194 13.28 5.28 10.11
N ASP A 195 13.50 4.39 9.13
CA ASP A 195 13.67 4.86 7.75
C ASP A 195 12.41 5.54 7.24
N GLN A 196 11.24 4.94 7.48
CA GLN A 196 9.99 5.51 7.00
C GLN A 196 9.66 6.84 7.67
N LEU A 197 10.34 7.19 8.76
CA LEU A 197 10.09 8.43 9.46
C LEU A 197 10.96 9.58 8.97
N LEU A 198 12.05 9.30 8.26
CA LEU A 198 12.98 10.32 7.84
C LEU A 198 12.96 10.62 6.34
N THR A 199 12.26 9.80 5.54
CA THR A 199 12.21 10.07 4.11
C THR A 199 10.78 10.18 3.62
N GLN A 200 9.88 9.37 4.19
CA GLN A 200 8.50 9.32 3.74
C GLN A 200 7.58 10.23 4.56
N ASP A 201 7.70 10.22 5.88
CA ASP A 201 6.84 11.05 6.71
C ASP A 201 7.28 12.52 6.67
N VAL A 202 8.57 12.78 6.44
CA VAL A 202 9.03 14.16 6.33
C VAL A 202 8.47 14.81 5.08
N GLU A 203 8.42 14.05 3.97
CA GLU A 203 7.89 14.61 2.72
C GLU A 203 6.41 14.92 2.82
N LYS A 204 5.64 14.04 3.47
CA LYS A 204 4.20 14.25 3.57
C LYS A 204 3.85 15.33 4.59
N PHE A 205 4.69 15.50 5.62
CA PHE A 205 4.43 16.57 6.58
C PHE A 205 4.62 17.94 5.93
N CYS A 206 5.71 18.11 5.19
CA CYS A 206 5.97 19.39 4.53
C CYS A 206 4.96 19.66 3.43
N ASN A 207 4.53 18.62 2.72
CA ASN A 207 3.53 18.76 1.68
C ASN A 207 2.15 19.08 2.25
N SER A 208 1.97 19.02 3.57
CA SER A 208 0.69 19.31 4.19
C SER A 208 0.68 20.59 5.01
N VAL A 209 1.84 21.11 5.39
CA VAL A 209 1.88 22.34 6.17
C VAL A 209 1.76 23.56 5.26
N VAL A 210 2.12 23.45 3.99
CA VAL A 210 1.96 24.55 3.05
C VAL A 210 0.70 24.32 2.22
N ASP A 211 0.28 23.05 2.12
CA ASP A 211 -1.04 22.77 1.57
C ASP A 211 -2.12 23.37 2.45
N LEU A 212 -1.96 23.26 3.77
CA LEU A 212 -2.89 23.91 4.69
C LEU A 212 -2.73 25.42 4.64
N TYR A 213 -1.53 25.91 4.39
CA TYR A 213 -1.33 27.35 4.25
C TYR A 213 -2.10 27.90 3.07
N SER A 214 -2.11 27.17 1.95
CA SER A 214 -2.82 27.62 0.77
C SER A 214 -4.31 27.30 0.85
N ASN A 215 -4.65 26.04 1.12
CA ASN A 215 -6.05 25.60 1.08
C ASN A 215 -6.90 26.24 2.18
N LEU A 216 -6.29 26.88 3.16
CA LEU A 216 -7.03 27.56 4.22
C LEU A 216 -7.12 29.07 4.01
N SER A 217 -6.07 29.69 3.47
CA SER A 217 -6.06 31.12 3.25
C SER A 217 -6.48 31.50 1.83
N LYS A 218 -6.57 30.55 0.92
CA LYS A 218 -7.04 30.86 -0.43
C LYS A 218 -8.56 31.03 -0.42
N PRO A 219 -9.36 30.07 0.09
CA PRO A 219 -10.80 30.31 0.15
C PRO A 219 -11.21 31.04 1.43
N PHE A 220 -10.40 31.97 1.85
CA PHE A 220 -10.75 32.84 2.96
C PHE A 220 -10.63 34.32 2.60
N LEU A 221 -9.64 34.67 1.77
CA LEU A 221 -9.57 36.04 1.27
C LEU A 221 -10.79 36.37 0.42
N ASP A 222 -11.21 35.43 -0.42
CA ASP A 222 -12.38 35.68 -1.25
C ASP A 222 -13.67 35.60 -0.44
N ILE A 223 -13.69 34.82 0.64
CA ILE A 223 -14.85 34.83 1.54
C ILE A 223 -15.07 36.23 2.09
N VAL A 224 -13.99 36.86 2.57
CA VAL A 224 -14.09 38.22 3.08
C VAL A 224 -14.37 39.20 1.95
N LEU A 225 -13.76 38.97 0.79
CA LEU A 225 -13.94 39.89 -0.33
C LEU A 225 -15.33 39.78 -0.93
N TYR A 226 -15.85 38.56 -1.06
CA TYR A 226 -17.17 38.39 -1.65
C TYR A 226 -18.27 38.84 -0.69
N ILE A 227 -18.10 38.61 0.61
CA ILE A 227 -19.04 39.14 1.58
C ILE A 227 -19.04 40.66 1.54
N PHE A 228 -17.85 41.26 1.43
CA PHE A 228 -17.75 42.72 1.32
C PHE A 228 -18.34 43.22 0.02
N LYS A 229 -18.28 42.42 -1.05
CA LYS A 229 -18.78 42.85 -2.35
C LYS A 229 -20.26 42.51 -2.54
N LEU A 230 -20.70 41.35 -2.08
CA LEU A 230 -22.12 41.01 -2.17
C LEU A 230 -22.96 41.91 -1.28
N THR A 231 -22.45 42.26 -0.11
CA THR A 231 -23.02 43.38 0.62
C THR A 231 -22.85 44.65 -0.20
N SER A 232 -23.84 45.53 -0.12
CA SER A 232 -24.00 46.69 -0.99
C SER A 232 -24.30 46.29 -2.43
N ALA A 233 -24.53 45.01 -2.69
CA ALA A 233 -24.97 44.51 -3.98
C ALA A 233 -26.30 43.77 -3.89
N ILE A 234 -26.50 42.97 -2.85
CA ILE A 234 -27.78 42.31 -2.61
C ILE A 234 -28.19 42.56 -1.16
N GLY A 235 -27.51 43.51 -0.52
CA GLY A 235 -27.80 43.85 0.86
C GLY A 235 -26.98 43.05 1.86
N ALA A 236 -27.07 43.46 3.11
CA ALA A 236 -26.37 42.76 4.18
C ALA A 236 -26.96 41.37 4.42
N GLN A 237 -28.28 41.26 4.32
CA GLN A 237 -28.96 39.98 4.52
C GLN A 237 -28.73 39.00 3.38
N GLY A 238 -28.14 39.44 2.28
CA GLY A 238 -27.85 38.59 1.15
C GLY A 238 -26.87 37.48 1.51
N PRO A 239 -25.61 37.83 1.77
CA PRO A 239 -24.64 36.81 2.15
C PRO A 239 -24.63 36.52 3.65
N ALA A 240 -25.80 36.51 4.25
CA ALA A 240 -25.98 36.08 5.63
C ALA A 240 -27.04 35.00 5.74
N SER A 241 -28.10 35.08 4.93
CA SER A 241 -29.04 33.97 4.82
C SER A 241 -28.44 32.81 4.03
N MET A 242 -27.46 33.11 3.18
CA MET A 242 -26.71 32.03 2.53
C MET A 242 -25.72 31.40 3.51
N MET A 243 -25.06 32.20 4.34
CA MET A 243 -24.23 31.64 5.40
C MET A 243 -25.06 30.84 6.38
N ALA A 244 -26.24 31.34 6.75
CA ALA A 244 -27.08 30.62 7.68
C ALA A 244 -27.54 29.30 7.10
N TYR A 245 -27.96 29.29 5.82
CA TYR A 245 -28.44 28.05 5.22
C TYR A 245 -27.31 27.05 5.02
N LEU A 246 -26.17 27.51 4.50
CA LEU A 246 -25.06 26.59 4.24
C LEU A 246 -24.54 25.97 5.53
N VAL A 247 -24.59 26.69 6.63
CA VAL A 247 -24.09 26.15 7.89
C VAL A 247 -25.15 25.28 8.55
N VAL A 248 -26.39 25.75 8.61
CA VAL A 248 -27.45 24.98 9.25
C VAL A 248 -27.71 23.69 8.49
N SER A 249 -27.80 23.77 7.15
CA SER A 249 -28.00 22.57 6.36
C SER A 249 -26.77 21.68 6.37
N GLY A 250 -25.57 22.26 6.48
CA GLY A 250 -24.37 21.46 6.57
C GLY A 250 -24.30 20.66 7.85
N LEU A 251 -24.66 21.28 8.98
CA LEU A 251 -24.67 20.57 10.25
C LEU A 251 -25.74 19.48 10.26
N PHE A 252 -26.93 19.80 9.74
CA PHE A 252 -28.01 18.81 9.71
C PHE A 252 -27.65 17.62 8.84
N LEU A 253 -27.03 17.87 7.68
CA LEU A 253 -26.63 16.78 6.81
C LEU A 253 -25.55 15.91 7.45
N THR A 254 -24.57 16.53 8.09
CA THR A 254 -23.52 15.76 8.75
C THR A 254 -24.09 14.92 9.89
N ARG A 255 -24.99 15.50 10.67
CA ARG A 255 -25.65 14.74 11.74
C ARG A 255 -26.50 13.62 11.16
N LEU A 256 -27.19 13.88 10.05
CA LEU A 256 -28.07 12.88 9.46
C LEU A 256 -27.28 11.70 8.92
N ARG A 257 -26.11 11.95 8.32
CA ARG A 257 -25.27 10.89 7.76
C ARG A 257 -24.26 10.35 8.77
N ARG A 258 -24.57 10.43 10.06
CA ARG A 258 -23.71 9.82 11.07
C ARG A 258 -23.46 8.34 10.82
N PRO A 259 -24.49 7.48 10.51
CA PRO A 259 -24.23 6.07 10.23
C PRO A 259 -23.69 5.82 8.82
N ILE A 260 -22.68 6.57 8.43
CA ILE A 260 -21.92 6.30 7.21
C ILE A 260 -20.52 5.81 7.55
N GLY A 261 -19.83 6.51 8.44
CA GLY A 261 -18.60 6.00 9.00
C GLY A 261 -18.79 4.93 10.04
N LYS A 262 -20.01 4.73 10.52
CA LYS A 262 -20.29 3.65 11.45
C LYS A 262 -20.39 2.31 10.73
N MET A 263 -20.96 2.30 9.52
CA MET A 263 -21.01 1.10 8.71
C MET A 263 -19.92 1.07 7.65
N THR A 264 -19.05 2.07 7.61
CA THR A 264 -17.85 1.96 6.78
C THR A 264 -16.82 1.05 7.44
N ILE A 265 -16.67 1.17 8.77
CA ILE A 265 -15.76 0.29 9.49
C ILE A 265 -16.27 -1.14 9.48
N THR A 266 -17.59 -1.33 9.57
CA THR A 266 -18.15 -2.67 9.52
C THR A 266 -17.88 -3.32 8.17
N GLU A 267 -18.00 -2.54 7.09
CA GLU A 267 -17.61 -3.05 5.77
C GLU A 267 -16.14 -3.41 5.72
N GLN A 268 -15.29 -2.54 6.28
CA GLN A 268 -13.85 -2.82 6.30
C GLN A 268 -13.54 -4.05 7.13
N LYS A 269 -14.23 -4.22 8.25
CA LYS A 269 -14.07 -5.42 9.05
C LYS A 269 -14.50 -6.66 8.28
N TYR A 270 -15.60 -6.56 7.55
CA TYR A 270 -16.08 -7.70 6.76
C TYR A 270 -15.17 -7.95 5.56
N GLU A 271 -14.69 -6.89 4.91
CA GLU A 271 -13.68 -7.05 3.88
C GLU A 271 -12.40 -7.65 4.45
N GLY A 272 -11.96 -7.16 5.60
CA GLY A 272 -10.69 -7.61 6.15
C GLY A 272 -10.71 -9.07 6.54
N GLU A 273 -11.84 -9.56 7.02
CA GLU A 273 -11.95 -10.97 7.41
C GLU A 273 -12.49 -11.85 6.30
N TYR A 274 -12.86 -11.28 5.15
CA TYR A 274 -13.08 -12.09 3.96
C TYR A 274 -11.76 -12.46 3.29
N ARG A 275 -10.77 -11.58 3.36
CA ARG A 275 -9.43 -11.93 2.90
C ARG A 275 -8.75 -12.89 3.87
N TYR A 276 -9.16 -12.89 5.13
CA TYR A 276 -8.55 -13.78 6.11
C TYR A 276 -8.92 -15.23 5.84
N VAL A 277 -10.20 -15.51 5.63
CA VAL A 277 -10.63 -16.88 5.37
C VAL A 277 -10.07 -17.36 4.04
N ASN A 278 -9.73 -16.44 3.14
CA ASN A 278 -9.07 -16.82 1.90
C ASN A 278 -7.60 -17.14 2.13
N SER A 279 -6.90 -16.26 2.87
CA SER A 279 -5.49 -16.50 3.15
C SER A 279 -5.30 -17.71 4.05
N ARG A 280 -6.21 -17.90 5.02
CA ARG A 280 -6.14 -19.07 5.87
C ARG A 280 -6.39 -20.35 5.11
N LEU A 281 -7.10 -20.27 3.98
CA LEU A 281 -7.30 -21.45 3.14
C LEU A 281 -6.05 -21.79 2.35
N ILE A 282 -5.26 -20.78 1.96
CA ILE A 282 -4.11 -21.01 1.09
C ILE A 282 -2.88 -21.39 1.88
N THR A 283 -2.54 -20.64 2.94
CA THR A 283 -1.34 -20.94 3.72
C THR A 283 -1.53 -22.13 4.63
N ASN A 284 -2.62 -22.85 4.45
CA ASN A 284 -2.93 -23.99 5.30
C ASN A 284 -3.61 -25.11 4.49
N SER A 285 -3.53 -25.07 3.16
CA SER A 285 -4.25 -26.01 2.32
C SER A 285 -3.60 -27.39 2.26
N GLU A 286 -2.41 -27.56 2.85
CA GLU A 286 -1.78 -28.88 2.85
C GLU A 286 -2.64 -29.90 3.58
N GLU A 287 -3.13 -29.55 4.77
CA GLU A 287 -3.95 -30.48 5.55
C GLU A 287 -5.39 -30.50 5.09
N ILE A 288 -5.89 -29.38 4.53
CA ILE A 288 -7.26 -29.32 4.05
C ILE A 288 -7.49 -30.29 2.90
N ALA A 289 -6.43 -30.66 2.18
CA ALA A 289 -6.57 -31.42 0.94
C ALA A 289 -6.45 -32.93 1.12
N PHE A 290 -5.87 -33.41 2.22
CA PHE A 290 -5.67 -34.84 2.36
C PHE A 290 -7.00 -35.56 2.56
N TYR A 291 -7.66 -35.30 3.68
CA TYR A 291 -9.09 -35.48 3.79
C TYR A 291 -9.83 -34.34 3.07
N ASN A 292 -10.96 -34.69 2.45
CA ASN A 292 -11.54 -33.91 1.35
C ASN A 292 -11.46 -32.40 1.58
N GLY A 293 -11.91 -31.93 2.73
CA GLY A 293 -11.79 -30.51 3.05
C GLY A 293 -12.76 -29.55 2.37
N ASN A 294 -12.82 -29.57 1.04
CA ASN A 294 -13.76 -28.72 0.35
C ASN A 294 -15.19 -29.18 0.62
N LYS A 295 -16.14 -28.30 0.31
CA LYS A 295 -17.55 -28.37 0.67
C LYS A 295 -17.77 -28.08 2.15
N ARG A 296 -16.69 -27.89 2.92
CA ARG A 296 -16.77 -27.38 4.29
C ARG A 296 -15.98 -26.09 4.44
N GLU A 297 -14.78 -26.02 3.86
CA GLU A 297 -14.08 -24.74 3.75
C GLU A 297 -14.62 -23.91 2.60
N LYS A 298 -15.42 -24.49 1.71
CA LYS A 298 -16.12 -23.70 0.71
C LYS A 298 -17.28 -22.93 1.34
N GLN A 299 -18.01 -23.59 2.25
CA GLN A 299 -19.12 -22.93 2.93
C GLN A 299 -18.64 -21.97 4.02
N THR A 300 -17.39 -22.10 4.46
CA THR A 300 -16.83 -21.10 5.36
C THR A 300 -16.55 -19.79 4.63
N VAL A 301 -15.94 -19.88 3.44
CA VAL A 301 -15.70 -18.69 2.64
C VAL A 301 -17.02 -18.12 2.11
N HIS A 302 -17.95 -19.00 1.74
CA HIS A 302 -19.23 -18.52 1.22
C HIS A 302 -20.01 -17.77 2.28
N SER A 303 -20.03 -18.27 3.51
CA SER A 303 -20.77 -17.61 4.58
C SER A 303 -20.17 -16.24 4.91
N VAL A 304 -18.85 -16.13 4.89
CA VAL A 304 -18.22 -14.84 5.13
C VAL A 304 -18.56 -13.86 4.01
N PHE A 305 -18.69 -14.35 2.79
CA PHE A 305 -19.01 -13.50 1.65
C PHE A 305 -20.52 -13.30 1.50
N ARG A 306 -21.26 -14.40 1.27
CA ARG A 306 -22.68 -14.30 0.97
C ARG A 306 -23.47 -13.77 2.16
N LYS A 307 -23.20 -14.28 3.36
CA LYS A 307 -23.95 -13.85 4.52
C LYS A 307 -23.37 -12.57 5.11
N LEU A 308 -22.12 -12.61 5.56
CA LEU A 308 -21.56 -11.50 6.32
C LEU A 308 -21.44 -10.23 5.49
N VAL A 309 -20.55 -10.21 4.49
CA VAL A 309 -20.32 -8.99 3.72
C VAL A 309 -21.29 -9.04 2.54
N GLU A 310 -22.56 -8.76 2.85
CA GLU A 310 -23.54 -8.33 1.87
C GLU A 310 -24.46 -7.29 2.51
N HIS A 311 -23.99 -6.63 3.57
CA HIS A 311 -24.62 -5.40 4.03
C HIS A 311 -24.35 -4.25 3.07
N LEU A 312 -23.48 -4.44 2.08
CA LEU A 312 -23.31 -3.45 1.04
C LEU A 312 -24.65 -3.14 0.39
N HIS A 313 -25.50 -4.15 0.24
CA HIS A 313 -26.87 -3.89 -0.22
C HIS A 313 -27.61 -3.00 0.78
N ASN A 314 -27.40 -3.23 2.07
CA ASN A 314 -27.94 -2.31 3.07
C ASN A 314 -27.15 -1.02 3.13
N PHE A 315 -25.86 -1.07 2.79
CA PHE A 315 -25.07 0.15 2.70
C PHE A 315 -25.42 0.94 1.44
N ILE A 316 -25.69 0.24 0.34
CA ILE A 316 -26.10 0.91 -0.89
C ILE A 316 -27.49 1.49 -0.73
N LEU A 317 -28.38 0.77 -0.06
CA LEU A 317 -29.74 1.26 0.16
C LEU A 317 -29.74 2.52 1.01
N PHE A 318 -28.91 2.55 2.05
CA PHE A 318 -28.82 3.75 2.88
C PHE A 318 -28.23 4.92 2.11
N ARG A 319 -27.19 4.67 1.32
CA ARG A 319 -26.56 5.75 0.57
C ARG A 319 -27.49 6.33 -0.50
N PHE A 320 -28.40 5.50 -1.02
CA PHE A 320 -29.39 6.02 -1.97
C PHE A 320 -30.35 6.98 -1.28
N SER A 321 -30.92 6.55 -0.15
CA SER A 321 -31.85 7.42 0.58
C SER A 321 -31.15 8.66 1.12
N MET A 322 -29.95 8.48 1.68
CA MET A 322 -29.20 9.62 2.17
C MET A 322 -28.81 10.57 1.03
N GLY A 323 -28.42 10.00 -0.10
CA GLY A 323 -28.08 10.82 -1.25
C GLY A 323 -29.27 11.56 -1.84
N PHE A 324 -30.45 10.94 -1.80
CA PHE A 324 -31.66 11.62 -2.26
C PHE A 324 -31.98 12.84 -1.42
N ILE A 325 -31.63 12.80 -0.13
CA ILE A 325 -31.94 13.91 0.76
C ILE A 325 -30.86 14.99 0.75
N ASP A 326 -29.58 14.60 0.65
CA ASP A 326 -28.52 15.59 0.62
C ASP A 326 -28.34 16.24 -0.74
N SER A 327 -28.94 15.69 -1.78
CA SER A 327 -28.93 16.30 -3.10
C SER A 327 -30.09 17.26 -3.29
N ILE A 328 -30.98 17.37 -2.31
CA ILE A 328 -32.09 18.31 -2.34
C ILE A 328 -31.79 19.55 -1.52
N ILE A 329 -31.45 19.38 -0.24
CA ILE A 329 -31.25 20.52 0.64
C ILE A 329 -29.84 21.08 0.59
N ALA A 330 -28.94 20.46 -0.18
CA ALA A 330 -27.59 20.98 -0.35
C ALA A 330 -27.22 21.24 -1.80
N LYS A 331 -28.05 20.85 -2.75
CA LYS A 331 -27.73 21.04 -4.16
C LYS A 331 -28.80 21.81 -4.92
N TYR A 332 -30.08 21.56 -4.64
CA TYR A 332 -31.18 22.21 -5.33
C TYR A 332 -31.91 23.23 -4.47
N LEU A 333 -32.08 22.96 -3.17
CA LEU A 333 -32.64 23.96 -2.28
C LEU A 333 -31.62 25.03 -1.90
N ALA A 334 -30.33 24.74 -2.05
CA ALA A 334 -29.32 25.77 -1.84
C ALA A 334 -29.36 26.81 -2.94
N THR A 335 -29.62 26.38 -4.18
CA THR A 335 -29.78 27.33 -5.28
C THR A 335 -31.09 28.10 -5.16
N VAL A 336 -32.15 27.45 -4.67
CA VAL A 336 -33.42 28.15 -4.47
C VAL A 336 -33.23 29.28 -3.47
N VAL A 337 -32.44 29.06 -2.42
CA VAL A 337 -32.08 30.14 -1.51
C VAL A 337 -31.20 31.16 -2.20
N GLY A 338 -30.33 30.71 -3.10
CA GLY A 338 -29.49 31.64 -3.83
C GLY A 338 -30.28 32.57 -4.72
N TYR A 339 -31.31 32.05 -5.39
CA TYR A 339 -32.18 32.92 -6.18
C TYR A 339 -32.90 33.92 -5.31
N LEU A 340 -33.37 33.48 -4.13
CA LEU A 340 -34.18 34.36 -3.29
C LEU A 340 -33.40 35.56 -2.78
N VAL A 341 -32.17 35.34 -2.31
CA VAL A 341 -31.39 36.43 -1.74
C VAL A 341 -30.93 37.40 -2.83
N VAL A 342 -30.51 36.89 -3.99
CA VAL A 342 -30.00 37.74 -5.04
C VAL A 342 -31.11 38.56 -5.69
N SER A 343 -32.33 38.03 -5.72
CA SER A 343 -33.43 38.68 -6.42
C SER A 343 -34.04 39.85 -5.65
N ARG A 344 -33.64 40.06 -4.39
CA ARG A 344 -34.25 41.13 -3.60
C ARG A 344 -34.05 42.52 -4.19
N PRO A 345 -32.85 42.92 -4.63
CA PRO A 345 -32.72 44.24 -5.27
C PRO A 345 -33.50 44.37 -6.56
N PHE A 346 -33.76 43.27 -7.27
CA PHE A 346 -34.38 43.32 -8.58
C PHE A 346 -35.89 43.32 -8.52
N LEU A 347 -36.48 42.46 -7.69
CA LEU A 347 -37.93 42.44 -7.52
C LEU A 347 -38.37 43.40 -6.42
N ASP A 348 -37.85 44.61 -6.48
CA ASP A 348 -38.21 45.66 -5.53
C ASP A 348 -38.04 46.98 -6.28
N LEU A 349 -39.16 47.51 -6.79
CA LEU A 349 -39.08 48.71 -7.61
C LEU A 349 -38.67 49.93 -6.80
N SER A 350 -38.97 49.94 -5.50
CA SER A 350 -38.58 51.02 -4.62
C SER A 350 -37.25 50.74 -3.92
N HIS A 351 -36.22 50.43 -4.70
CA HIS A 351 -34.88 50.20 -4.16
C HIS A 351 -33.98 51.34 -4.60
N PRO A 352 -33.68 52.31 -3.72
CA PRO A 352 -33.03 53.54 -4.17
C PRO A 352 -31.55 53.37 -4.47
N ARG A 353 -30.82 52.68 -3.60
CA ARG A 353 -29.37 52.59 -3.74
C ARG A 353 -29.00 51.86 -5.02
N HIS A 354 -29.54 50.66 -5.21
CA HIS A 354 -29.25 49.84 -6.38
C HIS A 354 -30.30 50.11 -7.45
N LEU A 355 -30.39 49.20 -8.43
CA LEU A 355 -30.99 49.44 -9.73
C LEU A 355 -32.35 50.12 -9.65
N LYS A 356 -32.40 51.38 -10.10
CA LYS A 356 -33.64 52.13 -10.24
C LYS A 356 -33.74 52.85 -11.57
N SER A 357 -32.61 53.21 -12.16
CA SER A 357 -32.54 53.85 -13.47
C SER A 357 -31.59 53.08 -14.39
N THR A 358 -31.78 51.76 -14.44
CA THR A 358 -30.90 50.86 -15.19
C THR A 358 -31.70 50.15 -16.27
N HIS A 359 -31.02 49.86 -17.39
CA HIS A 359 -31.66 49.22 -18.54
C HIS A 359 -31.06 47.87 -18.90
N SER A 360 -29.75 47.80 -19.10
CA SER A 360 -29.05 46.53 -19.27
C SER A 360 -27.98 46.32 -18.22
N GLU A 361 -27.77 47.30 -17.33
CA GLU A 361 -26.97 47.10 -16.14
C GLU A 361 -27.65 46.19 -15.13
N LEU A 362 -28.95 45.95 -15.30
CA LEU A 362 -29.62 44.90 -14.53
C LEU A 362 -29.03 43.54 -14.84
N LEU A 363 -28.73 43.29 -16.11
CA LEU A 363 -28.16 42.01 -16.53
C LEU A 363 -26.77 41.82 -15.94
N GLU A 364 -25.90 42.82 -16.07
CA GLU A 364 -24.54 42.68 -15.59
C GLU A 364 -24.48 42.64 -14.06
N ASP A 365 -25.38 43.37 -13.40
CA ASP A 365 -25.38 43.38 -11.94
C ASP A 365 -25.85 42.04 -11.38
N TYR A 366 -26.78 41.37 -12.08
CA TYR A 366 -27.29 40.10 -11.58
C TYR A 366 -26.22 39.02 -11.64
N TYR A 367 -25.59 38.84 -12.80
CA TYR A 367 -24.65 37.74 -12.96
C TYR A 367 -23.34 38.02 -12.23
N GLN A 368 -23.01 39.29 -12.03
CA GLN A 368 -21.90 39.60 -11.12
C GLN A 368 -22.24 39.19 -9.69
N SER A 369 -23.46 39.47 -9.25
CA SER A 369 -23.89 39.04 -7.92
C SER A 369 -24.14 37.54 -7.88
N GLY A 370 -24.70 36.98 -8.96
CA GLY A 370 -24.94 35.55 -9.01
C GLY A 370 -23.66 34.73 -9.03
N ARG A 371 -22.64 35.21 -9.75
CA ARG A 371 -21.38 34.48 -9.81
C ARG A 371 -20.58 34.66 -8.53
N MET A 372 -20.69 35.83 -7.89
CA MET A 372 -20.00 36.05 -6.63
C MET A 372 -20.58 35.18 -5.52
N LEU A 373 -21.90 35.03 -5.50
CA LEU A 373 -22.54 34.22 -4.47
C LEU A 373 -22.22 32.74 -4.65
N LEU A 374 -22.02 32.31 -5.90
CA LEU A 374 -21.63 30.92 -6.15
C LEU A 374 -20.20 30.67 -5.70
N ARG A 375 -19.30 31.61 -5.92
CA ARG A 375 -17.92 31.46 -5.49
C ARG A 375 -17.80 31.64 -3.98
N MET A 376 -18.60 32.54 -3.41
CA MET A 376 -18.65 32.68 -1.96
C MET A 376 -19.24 31.44 -1.29
N SER A 377 -20.24 30.82 -1.91
CA SER A 377 -20.81 29.60 -1.35
C SER A 377 -19.82 28.44 -1.46
N GLN A 378 -19.14 28.31 -2.60
CA GLN A 378 -18.24 27.19 -2.80
C GLN A 378 -16.87 27.41 -2.17
N ALA A 379 -16.59 28.60 -1.64
CA ALA A 379 -15.38 28.80 -0.85
C ALA A 379 -15.50 28.19 0.53
N LEU A 380 -16.73 28.05 1.05
CA LEU A 380 -16.92 27.36 2.32
C LEU A 380 -16.67 25.87 2.20
N GLY A 381 -17.02 25.27 1.06
CA GLY A 381 -16.72 23.87 0.85
C GLY A 381 -15.24 23.57 0.81
N ARG A 382 -14.41 24.59 0.58
CA ARG A 382 -12.97 24.43 0.60
C ARG A 382 -12.34 24.86 1.92
N ILE A 383 -13.00 25.74 2.68
CA ILE A 383 -12.50 26.08 4.01
C ILE A 383 -12.93 25.03 5.02
N VAL A 384 -14.03 24.33 4.76
CA VAL A 384 -14.41 23.21 5.62
C VAL A 384 -13.46 22.03 5.40
N LEU A 385 -13.15 21.73 4.12
CA LEU A 385 -12.22 20.65 3.82
C LEU A 385 -10.82 20.95 4.33
N ALA A 386 -10.41 22.22 4.31
CA ALA A 386 -9.10 22.59 4.82
C ALA A 386 -8.98 22.32 6.32
N GLY A 387 -10.06 22.59 7.07
CA GLY A 387 -10.06 22.26 8.48
C GLY A 387 -9.98 20.76 8.74
N ARG A 388 -10.64 19.97 7.88
CA ARG A 388 -10.58 18.53 8.02
C ARG A 388 -9.18 18.00 7.78
N GLU A 389 -8.46 18.58 6.80
CA GLU A 389 -7.10 18.17 6.53
C GLU A 389 -6.17 18.47 7.71
N MET A 390 -6.54 19.46 8.53
CA MET A 390 -5.71 19.81 9.68
C MET A 390 -5.56 18.64 10.65
N THR A 391 -6.54 17.73 10.68
CA THR A 391 -6.40 16.55 11.54
C THR A 391 -5.27 15.66 11.06
N ARG A 392 -5.13 15.49 9.74
CA ARG A 392 -4.00 14.74 9.21
C ARG A 392 -2.69 15.44 9.51
N LEU A 393 -2.65 16.76 9.37
CA LEU A 393 -1.46 17.51 9.73
C LEU A 393 -1.14 17.37 11.21
N ALA A 394 -2.18 17.24 12.04
CA ALA A 394 -1.95 17.00 13.47
C ALA A 394 -1.34 15.63 13.71
N GLY A 395 -1.70 14.65 12.87
CA GLY A 395 -1.07 13.34 13.00
C GLY A 395 0.39 13.35 12.61
N PHE A 396 0.75 14.11 11.56
CA PHE A 396 2.12 14.13 11.09
C PHE A 396 3.05 14.78 12.10
N THR A 397 2.65 15.92 12.66
CA THR A 397 3.51 16.60 13.62
C THR A 397 3.67 15.82 14.91
N ALA A 398 2.83 14.80 15.14
CA ALA A 398 3.02 13.93 16.29
C ALA A 398 4.19 12.99 16.07
N ARG A 399 4.31 12.41 14.87
CA ARG A 399 5.41 11.50 14.60
C ARG A 399 6.73 12.25 14.44
N ILE A 400 6.68 13.46 13.88
CA ILE A 400 7.90 14.25 13.73
C ILE A 400 8.40 14.70 15.10
N THR A 401 7.50 15.13 15.97
CA THR A 401 7.92 15.55 17.31
C THR A 401 8.31 14.36 18.16
N GLU A 402 7.68 13.20 17.94
CA GLU A 402 8.12 11.98 18.60
C GLU A 402 9.52 11.60 18.15
N LEU A 403 9.77 11.66 16.84
CA LEU A 403 11.10 11.36 16.32
C LEU A 403 12.14 12.37 16.80
N MET A 404 11.77 13.65 16.84
CA MET A 404 12.70 14.67 17.33
C MET A 404 13.02 14.46 18.80
N GLN A 405 12.02 14.11 19.61
CA GLN A 405 12.26 13.86 21.02
C GLN A 405 13.13 12.63 21.24
N VAL A 406 12.89 11.57 20.46
CA VAL A 406 13.70 10.36 20.57
C VAL A 406 15.14 10.63 20.18
N LEU A 407 15.35 11.37 19.08
CA LEU A 407 16.71 11.71 18.66
C LEU A 407 17.43 12.53 19.71
N LYS A 408 16.74 13.48 20.34
CA LYS A 408 17.35 14.27 21.40
C LYS A 408 17.55 13.45 22.65
N ASP A 409 16.76 12.38 22.84
CA ASP A 409 16.94 11.53 24.01
C ASP A 409 18.24 10.72 23.90
N LEU A 410 18.47 10.09 22.75
CA LEU A 410 19.65 9.24 22.60
C LEU A 410 20.93 10.04 22.44
N ASN A 411 20.85 11.28 21.93
CA ASN A 411 22.04 12.09 21.77
C ASN A 411 22.64 12.49 23.12
N HIS A 412 21.89 12.35 24.20
CA HIS A 412 22.39 12.61 25.55
C HIS A 412 22.68 11.33 26.32
N GLY A 413 22.45 10.16 25.73
CA GLY A 413 22.73 8.91 26.39
C GLY A 413 21.55 8.36 27.16
N LYS A 414 20.37 8.30 26.52
CA LYS A 414 19.17 7.80 27.16
C LYS A 414 18.39 6.95 26.16
N TYR A 415 17.58 6.05 26.69
CA TYR A 415 16.72 5.21 25.85
C TYR A 415 15.62 4.55 26.68
N PRO A 437 21.75 1.34 33.43
CA PRO A 437 22.54 1.71 32.26
C PRO A 437 23.22 3.06 32.43
N GLY A 438 24.47 3.16 32.00
CA GLY A 438 25.23 4.39 32.12
C GLY A 438 25.88 4.62 33.46
N ALA A 439 25.70 3.70 34.42
CA ALA A 439 26.35 3.85 35.72
C ALA A 439 27.86 3.77 35.60
N GLY A 440 28.35 2.85 34.76
CA GLY A 440 29.78 2.70 34.60
C GLY A 440 30.40 3.86 33.84
N GLU A 441 31.70 4.01 34.02
CA GLU A 441 32.47 5.07 33.39
C GLU A 441 33.45 4.49 32.39
N ILE A 442 33.55 5.10 31.22
CA ILE A 442 34.47 4.69 30.16
C ILE A 442 35.47 5.81 29.97
N ILE A 443 36.75 5.49 30.11
CA ILE A 443 37.83 6.45 29.95
C ILE A 443 38.69 6.01 28.77
N ILE A 444 38.93 6.92 27.84
CA ILE A 444 39.67 6.60 26.63
C ILE A 444 41.14 6.41 26.98
N ALA A 445 41.68 5.26 26.63
CA ALA A 445 43.08 4.93 26.90
C ALA A 445 43.67 4.25 25.67
N ASP A 446 45.00 4.36 25.55
CA ASP A 446 45.73 3.81 24.42
C ASP A 446 46.29 2.44 24.81
N ASN A 447 45.92 1.41 24.05
CA ASN A 447 46.44 0.05 24.20
C ASN A 447 46.07 -0.58 25.55
N ILE A 448 45.07 -0.05 26.23
CA ILE A 448 44.58 -0.61 27.49
C ILE A 448 43.12 -0.94 27.30
N ILE A 449 42.75 -2.21 27.51
CA ILE A 449 41.40 -2.68 27.26
C ILE A 449 40.89 -3.47 28.47
N LYS A 450 41.47 -3.21 29.64
CA LYS A 450 41.16 -4.02 30.82
C LYS A 450 39.69 -3.88 31.21
N PHE A 451 39.04 -5.02 31.41
CA PHE A 451 37.66 -5.08 31.90
C PHE A 451 37.63 -5.37 33.40
N ASP A 452 38.25 -4.50 34.19
CA ASP A 452 38.34 -4.74 35.62
C ASP A 452 36.99 -4.48 36.29
N HIS A 453 36.37 -5.54 36.80
CA HIS A 453 35.09 -5.48 37.51
C HIS A 453 34.02 -4.81 36.64
N VAL A 454 33.71 -5.46 35.51
CA VAL A 454 32.73 -4.96 34.56
C VAL A 454 31.78 -6.09 34.21
N PRO A 455 30.48 -5.94 34.40
CA PRO A 455 29.52 -6.97 34.00
C PRO A 455 29.32 -6.93 32.48
N LEU A 456 28.51 -7.88 31.99
CA LEU A 456 28.21 -8.01 30.58
C LEU A 456 26.71 -8.01 30.35
N ALA A 457 26.01 -7.07 30.98
CA ALA A 457 24.56 -7.01 30.88
C ALA A 457 24.11 -6.58 29.51
N THR A 458 23.04 -7.20 29.02
CA THR A 458 22.34 -6.82 27.80
C THR A 458 21.62 -5.50 28.06
N PRO A 459 21.20 -4.76 27.04
CA PRO A 459 20.58 -3.45 27.30
C PRO A 459 19.33 -3.52 28.16
N ASN A 460 18.63 -4.66 28.18
CA ASN A 460 17.50 -4.83 29.08
C ASN A 460 17.96 -4.80 30.54
N GLY A 461 19.03 -5.53 30.86
CA GLY A 461 19.58 -5.52 32.20
C GLY A 461 19.97 -6.89 32.72
N ASP A 462 19.61 -7.94 31.99
CA ASP A 462 19.90 -9.30 32.41
C ASP A 462 21.40 -9.58 32.35
N VAL A 463 22.05 -9.64 33.51
CA VAL A 463 23.48 -9.92 33.56
C VAL A 463 23.70 -11.40 33.28
N LEU A 464 24.54 -11.70 32.29
CA LEU A 464 24.87 -13.08 31.96
C LEU A 464 26.30 -13.48 32.34
N ILE A 465 27.18 -12.51 32.56
CA ILE A 465 28.52 -12.76 33.09
C ILE A 465 28.72 -11.85 34.29
N ARG A 466 29.19 -12.42 35.39
CA ARG A 466 29.19 -11.74 36.68
C ARG A 466 30.47 -10.96 36.95
N ASP A 467 31.63 -11.63 36.82
CA ASP A 467 32.88 -11.11 37.34
C ASP A 467 33.95 -11.09 36.26
N LEU A 468 33.63 -10.52 35.10
CA LEU A 468 34.63 -10.30 34.07
C LEU A 468 35.75 -9.42 34.61
N ASN A 469 36.99 -9.93 34.56
CA ASN A 469 38.15 -9.19 35.03
C ASN A 469 39.37 -9.73 34.29
N PHE A 470 39.82 -9.00 33.27
CA PHE A 470 40.99 -9.40 32.51
C PHE A 470 41.56 -8.19 31.80
N GLU A 471 42.82 -8.29 31.41
CA GLU A 471 43.49 -7.26 30.63
C GLU A 471 44.35 -7.91 29.57
N VAL A 472 44.36 -7.31 28.38
CA VAL A 472 45.25 -7.74 27.30
C VAL A 472 45.93 -6.50 26.73
N ARG A 473 47.08 -6.72 26.11
CA ARG A 473 47.91 -5.64 25.59
C ARG A 473 48.19 -5.86 24.11
N SER A 474 48.56 -4.78 23.43
CA SER A 474 48.86 -4.83 22.01
C SER A 474 50.09 -5.69 21.79
N GLY A 475 49.89 -6.87 21.21
CA GLY A 475 50.97 -7.81 20.99
C GLY A 475 50.57 -9.24 21.28
N ALA A 476 49.53 -9.41 22.12
CA ALA A 476 49.03 -10.72 22.49
C ALA A 476 47.61 -10.87 21.96
N ASN A 477 47.39 -11.91 21.17
CA ASN A 477 46.08 -12.19 20.60
C ASN A 477 45.22 -12.95 21.61
N VAL A 478 43.90 -12.88 21.41
CA VAL A 478 42.94 -13.55 22.27
C VAL A 478 41.99 -14.35 21.39
N LEU A 479 41.83 -15.63 21.72
CA LEU A 479 40.88 -16.49 21.04
C LEU A 479 39.64 -16.63 21.91
N ILE A 480 38.48 -16.29 21.37
CA ILE A 480 37.21 -16.42 22.08
C ILE A 480 36.60 -17.77 21.75
N CYS A 481 36.27 -18.54 22.78
CA CYS A 481 35.75 -19.89 22.61
C CYS A 481 34.44 -20.04 23.39
N GLY A 482 33.60 -20.94 22.90
CA GLY A 482 32.31 -21.20 23.51
C GLY A 482 31.27 -21.53 22.46
N PRO A 483 30.13 -22.09 22.89
CA PRO A 483 29.11 -22.48 21.91
C PRO A 483 28.20 -21.33 21.52
N ASN A 484 28.78 -20.14 21.30
CA ASN A 484 28.15 -19.00 20.65
C ASN A 484 26.68 -18.82 20.99
N GLY A 485 26.29 -19.02 22.24
CA GLY A 485 24.88 -19.01 22.57
C GLY A 485 24.22 -17.65 22.51
N CYS A 486 24.53 -16.77 23.46
CA CYS A 486 24.01 -15.42 23.44
C CYS A 486 25.00 -14.37 23.95
N GLY A 487 26.23 -14.76 24.30
CA GLY A 487 27.15 -13.83 24.90
C GLY A 487 28.35 -13.52 24.04
N LYS A 488 28.59 -14.33 23.01
CA LYS A 488 29.70 -14.07 22.10
C LYS A 488 29.52 -12.75 21.36
N SER A 489 28.32 -12.52 20.82
CA SER A 489 28.01 -11.23 20.20
C SER A 489 27.37 -10.28 21.20
N SER A 490 28.00 -10.16 22.37
CA SER A 490 27.63 -9.16 23.36
C SER A 490 28.82 -8.49 24.02
N LEU A 491 29.99 -9.13 24.06
CA LEU A 491 31.19 -8.46 24.54
C LEU A 491 31.67 -7.42 23.54
N PHE A 492 31.55 -7.73 22.24
CA PHE A 492 32.01 -6.81 21.22
C PHE A 492 31.15 -5.55 21.17
N ARG A 493 29.84 -5.70 21.35
CA ARG A 493 28.94 -4.54 21.32
C ARG A 493 29.27 -3.58 22.46
N VAL A 494 29.56 -4.11 23.65
CA VAL A 494 30.00 -3.26 24.76
C VAL A 494 31.37 -2.67 24.46
N LEU A 495 32.25 -3.45 23.84
CA LEU A 495 33.60 -2.99 23.56
C LEU A 495 33.61 -1.82 22.60
N GLY A 496 32.75 -1.85 21.59
CA GLY A 496 32.64 -0.75 20.66
C GLY A 496 31.77 0.39 21.09
N GLU A 497 31.36 0.41 22.36
CA GLU A 497 30.44 1.40 22.91
C GLU A 497 29.07 1.37 22.26
N LEU A 498 28.74 0.25 21.60
CA LEU A 498 27.43 0.10 20.98
C LEU A 498 26.35 -0.26 21.98
N TRP A 499 26.74 -0.65 23.19
CA TRP A 499 25.83 -1.04 24.25
C TRP A 499 26.20 -0.35 25.55
N PRO A 500 25.25 -0.11 26.44
CA PRO A 500 25.55 0.62 27.68
C PRO A 500 26.41 -0.20 28.62
N LEU A 501 27.15 0.51 29.46
CA LEU A 501 27.99 -0.09 30.49
C LEU A 501 27.21 -0.16 31.79
N PHE A 502 27.02 -1.37 32.32
CA PHE A 502 26.24 -1.58 33.53
C PHE A 502 27.18 -1.59 34.74
N GLY A 503 27.76 -0.43 35.01
CA GLY A 503 28.65 -0.26 36.14
C GLY A 503 30.07 -0.68 35.84
N GLY A 504 30.96 -0.34 36.76
CA GLY A 504 32.36 -0.66 36.63
C GLY A 504 33.14 0.39 35.86
N ARG A 505 34.46 0.20 35.84
CA ARG A 505 35.38 1.09 35.15
C ARG A 505 35.91 0.39 33.90
N LEU A 506 35.85 1.08 32.77
CA LEU A 506 36.29 0.52 31.50
C LEU A 506 37.32 1.45 30.86
N THR A 507 38.43 0.88 30.40
CA THR A 507 39.44 1.58 29.63
C THR A 507 39.54 0.94 28.26
N LYS A 508 39.58 1.78 27.22
CA LYS A 508 39.61 1.30 25.85
C LYS A 508 39.87 2.49 24.93
N PRO A 509 40.38 2.25 23.72
CA PRO A 509 40.54 3.33 22.75
C PRO A 509 39.18 3.79 22.23
N GLU A 510 39.19 4.95 21.57
CA GLU A 510 37.95 5.57 21.12
C GLU A 510 37.40 4.82 19.90
N ARG A 511 36.36 5.39 19.28
CA ARG A 511 35.62 4.68 18.24
C ARG A 511 36.48 4.35 17.04
N GLY A 512 37.48 5.18 16.73
CA GLY A 512 38.24 5.01 15.51
C GLY A 512 39.26 3.89 15.53
N LYS A 513 39.50 3.28 16.69
CA LYS A 513 40.52 2.25 16.81
C LYS A 513 39.98 0.84 16.98
N LEU A 514 38.74 0.68 17.44
CA LEU A 514 38.15 -0.65 17.56
C LEU A 514 37.59 -1.08 16.22
N PHE A 515 37.93 -2.30 15.80
CA PHE A 515 37.55 -2.81 14.49
C PHE A 515 36.85 -4.15 14.65
N TYR A 516 35.77 -4.34 13.90
CA TYR A 516 34.99 -5.57 13.97
C TYR A 516 34.69 -6.05 12.56
N VAL A 517 35.10 -7.28 12.26
CA VAL A 517 34.91 -7.87 10.94
C VAL A 517 33.98 -9.08 11.05
N PRO A 518 32.73 -8.96 10.63
CA PRO A 518 31.79 -10.10 10.79
C PRO A 518 32.01 -11.19 9.76
N GLN A 519 31.13 -12.18 9.75
CA GLN A 519 31.25 -13.28 8.77
C GLN A 519 31.17 -12.74 7.35
N ARG A 520 30.13 -11.97 7.04
CA ARG A 520 30.12 -11.28 5.76
C ARG A 520 30.58 -9.85 5.95
N PRO A 521 31.66 -9.42 5.30
CA PRO A 521 32.13 -8.05 5.48
C PRO A 521 31.16 -7.03 4.89
N TYR A 522 31.35 -5.78 5.31
CA TYR A 522 30.50 -4.68 4.86
C TYR A 522 31.12 -4.05 3.61
N MET A 523 30.34 -4.02 2.53
CA MET A 523 30.74 -3.38 1.28
C MET A 523 29.92 -2.11 1.11
N THR A 524 30.58 -1.04 0.71
CA THR A 524 29.98 0.28 0.66
C THR A 524 29.42 0.57 -0.74
N LEU A 525 28.30 1.28 -0.76
CA LEU A 525 27.72 1.76 -2.01
C LEU A 525 28.70 2.73 -2.64
N GLY A 526 29.39 2.29 -3.69
CA GLY A 526 30.38 3.14 -4.33
C GLY A 526 31.30 2.32 -5.21
N THR A 527 32.45 2.90 -5.50
CA THR A 527 33.42 2.31 -6.42
C THR A 527 34.16 1.16 -5.74
N LEU A 528 35.20 0.65 -6.41
CA LEU A 528 36.08 -0.33 -5.78
C LEU A 528 37.05 0.31 -4.82
N ARG A 529 37.43 1.57 -5.04
CA ARG A 529 38.38 2.24 -4.16
C ARG A 529 37.80 2.42 -2.76
N ASP A 530 36.53 2.78 -2.65
CA ASP A 530 35.89 2.94 -1.35
C ASP A 530 35.31 1.62 -0.85
N GLN A 531 36.15 0.58 -0.85
CA GLN A 531 35.86 -0.67 -0.17
C GLN A 531 37.08 -1.04 0.67
N VAL A 532 38.23 -0.50 0.28
CA VAL A 532 39.44 -0.64 1.06
C VAL A 532 39.59 0.49 2.08
N ILE A 533 38.96 1.64 1.84
CA ILE A 533 39.15 2.82 2.67
C ILE A 533 37.82 3.33 3.22
N TYR A 534 36.85 2.44 3.40
CA TYR A 534 35.45 2.82 3.65
C TYR A 534 35.29 3.91 4.71
N PRO A 535 35.64 3.69 5.98
CA PRO A 535 35.33 4.71 6.99
C PRO A 535 36.09 6.00 6.81
N ASP A 536 37.07 6.03 5.91
CA ASP A 536 37.72 7.26 5.50
C ASP A 536 37.09 7.77 4.22
N GLY A 537 37.02 9.10 4.10
CA GLY A 537 36.46 9.71 2.92
C GLY A 537 37.43 9.71 1.76
N ARG A 538 37.09 10.50 0.75
CA ARG A 538 37.93 10.63 -0.44
C ARG A 538 38.85 11.84 -0.37
N GLU A 539 38.34 12.99 0.08
CA GLU A 539 39.17 14.19 0.18
C GLU A 539 40.23 14.04 1.26
N ASP A 540 39.88 13.46 2.40
CA ASP A 540 40.83 13.28 3.49
C ASP A 540 41.67 12.01 3.34
N GLN A 541 41.45 11.23 2.28
CA GLN A 541 42.31 10.08 2.03
C GLN A 541 43.67 10.51 1.49
N LYS A 542 43.68 11.52 0.60
CA LYS A 542 44.93 11.97 0.01
C LYS A 542 45.85 12.63 1.04
N ARG A 543 45.30 13.33 2.02
CA ARG A 543 46.12 14.04 2.99
C ARG A 543 46.88 13.10 3.91
N LYS A 544 46.56 11.80 3.90
CA LYS A 544 47.31 10.81 4.67
C LYS A 544 48.59 10.37 3.97
N GLY A 545 49.00 11.05 2.91
CA GLY A 545 50.18 10.66 2.16
C GLY A 545 50.04 9.30 1.51
N ILE A 546 48.88 9.01 0.92
CA ILE A 546 48.59 7.70 0.37
C ILE A 546 48.49 7.83 -1.15
N SER A 547 48.57 6.70 -1.83
CA SER A 547 48.44 6.66 -3.28
C SER A 547 47.76 5.36 -3.69
N ASP A 548 47.18 5.38 -4.89
CA ASP A 548 46.47 4.20 -5.39
C ASP A 548 47.41 3.01 -5.56
N LEU A 549 48.70 3.26 -5.80
CA LEU A 549 49.66 2.17 -5.84
C LEU A 549 49.80 1.51 -4.48
N VAL A 550 49.83 2.31 -3.41
CA VAL A 550 49.88 1.74 -2.07
C VAL A 550 48.58 1.02 -1.75
N LEU A 551 47.45 1.51 -2.23
CA LEU A 551 46.20 0.77 -2.10
C LEU A 551 46.28 -0.57 -2.81
N LYS A 552 46.89 -0.60 -3.99
CA LYS A 552 47.04 -1.84 -4.73
C LYS A 552 47.91 -2.83 -3.96
N GLU A 553 49.04 -2.36 -3.42
CA GLU A 553 49.92 -3.29 -2.72
C GLU A 553 49.33 -3.74 -1.39
N TYR A 554 48.51 -2.90 -0.75
CA TYR A 554 47.73 -3.36 0.39
C TYR A 554 46.74 -4.44 -0.03
N LEU A 555 46.10 -4.24 -1.18
CA LEU A 555 45.16 -5.24 -1.68
C LEU A 555 45.88 -6.45 -2.26
N ASP A 556 47.16 -6.29 -2.64
CA ASP A 556 47.91 -7.42 -3.18
C ASP A 556 48.36 -8.36 -2.07
N ASN A 557 48.58 -7.86 -0.86
CA ASN A 557 49.06 -8.70 0.23
C ASN A 557 48.04 -9.76 0.63
N VAL A 558 46.79 -9.61 0.23
CA VAL A 558 45.74 -10.54 0.60
C VAL A 558 45.43 -11.53 -0.52
N GLN A 559 46.32 -11.61 -1.53
CA GLN A 559 46.15 -12.50 -2.68
C GLN A 559 44.88 -12.15 -3.46
N LEU A 560 44.75 -10.87 -3.80
CA LEU A 560 43.64 -10.37 -4.60
C LEU A 560 44.16 -9.21 -5.44
N GLY A 561 44.53 -9.49 -6.68
CA GLY A 561 45.03 -8.44 -7.55
C GLY A 561 44.35 -8.45 -8.91
N HIS A 562 43.62 -9.51 -9.21
CA HIS A 562 42.94 -9.65 -10.49
C HIS A 562 41.59 -8.95 -10.54
N ILE A 563 40.95 -8.73 -9.39
CA ILE A 563 39.64 -8.09 -9.37
C ILE A 563 39.74 -6.66 -9.85
N LEU A 564 40.84 -5.97 -9.50
CA LEU A 564 40.98 -4.55 -9.85
C LEU A 564 40.94 -4.35 -11.37
N GLU A 565 41.67 -5.17 -12.11
CA GLU A 565 41.69 -5.04 -13.56
C GLU A 565 40.43 -5.61 -14.20
N ARG A 566 39.91 -6.72 -13.65
CA ARG A 566 38.76 -7.37 -14.25
C ARG A 566 37.50 -6.51 -14.11
N GLU A 567 37.31 -5.88 -12.96
CA GLU A 567 36.06 -5.17 -12.71
C GLU A 567 35.94 -3.90 -13.53
N GLY A 568 37.06 -3.21 -13.78
CA GLY A 568 37.01 -2.00 -14.56
C GLY A 568 37.94 -0.91 -14.08
N GLY A 569 38.66 -1.16 -12.99
CA GLY A 569 39.63 -0.20 -12.50
C GLY A 569 39.42 0.18 -11.05
N TRP A 570 40.07 1.27 -10.62
CA TRP A 570 39.97 1.73 -9.24
C TRP A 570 38.73 2.57 -8.98
N ASP A 571 37.92 2.84 -10.02
CA ASP A 571 36.72 3.64 -9.87
C ASP A 571 35.51 2.96 -10.52
N SER A 572 35.49 1.64 -10.51
CA SER A 572 34.37 0.90 -11.08
C SER A 572 33.26 0.77 -10.06
N VAL A 573 32.05 1.16 -10.43
CA VAL A 573 30.91 1.21 -9.52
C VAL A 573 29.94 0.10 -9.88
N GLN A 574 29.81 -0.88 -9.01
CA GLN A 574 28.77 -1.89 -9.10
C GLN A 574 28.53 -2.48 -7.71
N ASP A 575 27.40 -3.15 -7.55
CA ASP A 575 27.04 -3.72 -6.26
C ASP A 575 28.03 -4.82 -5.88
N TRP A 576 28.74 -4.62 -4.77
CA TRP A 576 29.79 -5.54 -4.36
C TRP A 576 29.30 -6.68 -3.49
N MET A 577 28.02 -6.68 -3.09
CA MET A 577 27.46 -7.83 -2.40
C MET A 577 27.13 -8.97 -3.36
N ASP A 578 26.79 -8.65 -4.61
CA ASP A 578 26.46 -9.67 -5.60
C ASP A 578 27.60 -9.97 -6.56
N VAL A 579 28.30 -8.95 -7.05
CA VAL A 579 29.43 -9.20 -7.93
C VAL A 579 30.58 -9.89 -7.21
N LEU A 580 30.58 -9.86 -5.88
CA LEU A 580 31.51 -10.61 -5.07
C LEU A 580 30.73 -11.63 -4.25
N SER A 581 31.29 -12.82 -4.11
CA SER A 581 30.62 -13.89 -3.38
C SER A 581 31.66 -14.85 -2.83
N GLY A 582 31.85 -14.83 -1.52
CA GLY A 582 32.73 -15.79 -0.87
C GLY A 582 34.01 -15.21 -0.31
N GLY A 583 35.14 -15.79 -0.74
CA GLY A 583 36.41 -15.44 -0.14
C GLY A 583 36.84 -14.01 -0.42
N GLU A 584 36.51 -13.49 -1.61
CA GLU A 584 37.00 -12.17 -1.99
C GLU A 584 36.47 -11.07 -1.07
N LYS A 585 35.27 -11.25 -0.50
CA LYS A 585 34.77 -10.27 0.46
C LYS A 585 35.65 -10.23 1.70
N GLN A 586 36.01 -11.40 2.22
CA GLN A 586 36.92 -11.45 3.37
C GLN A 586 38.29 -10.89 3.02
N ARG A 587 38.75 -11.16 1.79
CA ARG A 587 40.04 -10.62 1.35
C ARG A 587 40.01 -9.09 1.32
N MET A 588 38.91 -8.51 0.81
CA MET A 588 38.80 -7.05 0.81
C MET A 588 38.65 -6.49 2.21
N ALA A 589 37.97 -7.21 3.11
CA ALA A 589 37.89 -6.77 4.50
C ALA A 589 39.27 -6.75 5.14
N MET A 590 40.08 -7.78 4.88
CA MET A 590 41.45 -7.80 5.40
C MET A 590 42.28 -6.69 4.78
N ALA A 591 42.04 -6.38 3.50
CA ALA A 591 42.74 -5.26 2.87
C ALA A 591 42.37 -3.94 3.54
N ARG A 592 41.09 -3.75 3.85
CA ARG A 592 40.66 -2.55 4.55
C ARG A 592 41.29 -2.46 5.93
N LEU A 593 41.32 -3.58 6.65
CA LEU A 593 41.96 -3.62 7.95
C LEU A 593 43.44 -3.27 7.85
N PHE A 594 44.12 -3.80 6.84
CA PHE A 594 45.53 -3.48 6.62
C PHE A 594 45.72 -2.00 6.34
N TYR A 595 44.85 -1.42 5.51
CA TYR A 595 44.98 0.00 5.17
C TYR A 595 44.78 0.88 6.39
N HIS A 596 43.74 0.59 7.19
CA HIS A 596 43.42 1.48 8.29
C HIS A 596 44.36 1.30 9.48
N LYS A 597 44.89 0.10 9.68
CA LYS A 597 45.82 -0.20 10.78
C LYS A 597 45.21 0.16 12.12
N PRO A 598 44.20 -0.54 12.58
CA PRO A 598 43.58 -0.22 13.87
C PRO A 598 44.44 -0.71 15.03
N GLN A 599 43.93 -0.53 16.24
CA GLN A 599 44.61 -1.02 17.43
C GLN A 599 44.15 -2.42 17.80
N PHE A 600 42.84 -2.64 17.87
CA PHE A 600 42.27 -3.94 18.15
C PHE A 600 41.25 -4.29 17.08
N ALA A 601 41.20 -5.56 16.71
CA ALA A 601 40.31 -6.03 15.66
C ALA A 601 39.62 -7.32 16.11
N ILE A 602 38.38 -7.47 15.66
CA ILE A 602 37.58 -8.68 15.93
C ILE A 602 37.40 -9.42 14.63
N LEU A 603 37.64 -10.73 14.65
CA LEU A 603 37.56 -11.56 13.46
C LEU A 603 36.49 -12.62 13.62
N ASP A 604 35.30 -12.20 14.06
CA ASP A 604 34.24 -13.12 14.42
C ASP A 604 33.79 -13.96 13.22
N GLU A 605 34.17 -15.23 13.22
CA GLU A 605 33.80 -16.22 12.20
C GLU A 605 33.83 -15.63 10.79
N CYS A 606 34.91 -14.91 10.49
CA CYS A 606 35.07 -14.29 9.18
C CYS A 606 35.94 -15.13 8.24
N THR A 607 37.14 -15.50 8.70
CA THR A 607 38.09 -16.22 7.86
C THR A 607 37.62 -17.67 7.72
N SER A 608 36.62 -17.86 6.86
CA SER A 608 36.07 -19.17 6.56
C SER A 608 36.21 -19.57 5.10
N ALA A 609 36.57 -18.64 4.22
CA ALA A 609 36.78 -18.93 2.81
C ALA A 609 38.10 -18.35 2.33
N VAL A 610 39.10 -18.31 3.21
CA VAL A 610 40.40 -17.72 2.95
C VAL A 610 41.47 -18.80 3.09
N SER A 611 42.41 -18.80 2.15
CA SER A 611 43.46 -19.82 2.14
C SER A 611 44.29 -19.74 3.42
N VAL A 612 44.73 -20.91 3.90
CA VAL A 612 45.45 -20.98 5.16
C VAL A 612 46.80 -20.28 5.08
N ASP A 613 47.47 -20.36 3.92
CA ASP A 613 48.77 -19.71 3.78
C ASP A 613 48.63 -18.19 3.88
N VAL A 614 47.68 -17.63 3.13
CA VAL A 614 47.45 -16.19 3.21
C VAL A 614 46.81 -15.81 4.54
N GLU A 615 46.12 -16.75 5.21
CA GLU A 615 45.64 -16.49 6.56
C GLU A 615 46.79 -16.30 7.53
N GLY A 616 47.78 -17.19 7.46
CA GLY A 616 48.98 -17.02 8.28
C GLY A 616 49.75 -15.77 7.90
N TYR A 617 49.76 -15.42 6.61
CA TYR A 617 50.37 -14.18 6.17
C TYR A 617 49.68 -12.97 6.79
N ILE A 618 48.35 -12.98 6.82
CA ILE A 618 47.59 -11.90 7.43
C ILE A 618 47.90 -11.81 8.92
N TYR A 619 47.94 -12.96 9.60
CA TYR A 619 48.26 -12.97 11.02
C TYR A 619 49.65 -12.40 11.28
N SER A 620 50.64 -12.80 10.48
CA SER A 620 51.99 -12.30 10.64
C SER A 620 52.07 -10.80 10.36
N HIS A 621 51.36 -10.33 9.33
CA HIS A 621 51.34 -8.91 9.02
C HIS A 621 50.75 -8.11 10.17
N CYS A 622 49.62 -8.58 10.72
CA CYS A 622 49.00 -7.89 11.85
C CYS A 622 49.93 -7.90 13.05
N ARG A 623 50.62 -9.01 13.29
CA ARG A 623 51.54 -9.09 14.43
C ARG A 623 52.71 -8.12 14.28
N LYS A 624 53.30 -8.05 13.07
CA LYS A 624 54.49 -7.23 12.89
C LYS A 624 54.14 -5.74 12.83
N VAL A 625 52.98 -5.40 12.27
CA VAL A 625 52.58 -4.00 12.27
C VAL A 625 51.94 -3.61 13.59
N GLY A 626 51.34 -4.56 14.29
CA GLY A 626 50.78 -4.29 15.61
C GLY A 626 49.29 -4.15 15.65
N ILE A 627 48.57 -5.01 14.94
CA ILE A 627 47.12 -5.02 14.94
C ILE A 627 46.68 -6.21 15.78
N THR A 628 46.32 -5.95 17.04
CA THR A 628 45.84 -7.01 17.92
C THR A 628 44.50 -7.54 17.42
N LEU A 629 44.35 -8.86 17.45
CA LEU A 629 43.18 -9.52 16.88
C LEU A 629 42.44 -10.31 17.94
N PHE A 630 41.12 -10.31 17.85
CA PHE A 630 40.23 -11.08 18.72
C PHE A 630 39.61 -12.17 17.86
N THR A 631 40.25 -13.33 17.83
CA THR A 631 39.89 -14.38 16.87
C THR A 631 38.74 -15.22 17.42
N VAL A 632 37.67 -15.32 16.64
CA VAL A 632 36.55 -16.21 16.93
C VAL A 632 36.47 -17.21 15.79
N SER A 633 36.73 -18.49 16.09
CA SER A 633 36.74 -19.51 15.05
C SER A 633 36.50 -20.87 15.68
N HIS A 634 36.06 -21.81 14.85
CA HIS A 634 35.86 -23.20 15.26
C HIS A 634 36.98 -24.12 14.79
N ARG A 635 37.93 -23.61 14.01
CA ARG A 635 39.02 -24.43 13.50
C ARG A 635 40.09 -24.61 14.55
N LYS A 636 40.51 -25.86 14.77
CA LYS A 636 41.49 -26.18 15.80
C LYS A 636 42.92 -25.86 15.39
N SER A 637 43.18 -25.60 14.11
CA SER A 637 44.53 -25.27 13.67
C SER A 637 44.92 -23.83 13.98
N LEU A 638 43.96 -22.98 14.33
CA LEU A 638 44.25 -21.57 14.63
C LEU A 638 44.43 -21.38 16.13
N TRP A 639 45.41 -22.08 16.69
CA TRP A 639 45.69 -22.02 18.12
C TRP A 639 47.16 -21.74 18.42
N LYS A 640 47.94 -21.29 17.44
CA LYS A 640 49.37 -21.06 17.62
C LYS A 640 49.74 -19.59 17.68
N HIS A 641 48.86 -18.69 17.25
CA HIS A 641 49.15 -17.25 17.22
C HIS A 641 48.27 -16.49 18.21
N HIS A 642 47.94 -17.12 19.34
CA HIS A 642 47.11 -16.51 20.38
C HIS A 642 47.78 -16.74 21.73
N GLU A 643 48.43 -15.71 22.26
CA GLU A 643 49.09 -15.82 23.55
C GLU A 643 48.08 -16.07 24.67
N TYR A 644 46.95 -15.38 24.65
CA TYR A 644 45.91 -15.52 25.64
C TYR A 644 44.73 -16.30 25.05
N TYR A 645 43.74 -16.58 25.89
CA TYR A 645 42.58 -17.36 25.47
C TYR A 645 41.46 -17.11 26.47
N LEU A 646 40.31 -16.64 25.98
CA LEU A 646 39.14 -16.39 26.79
C LEU A 646 38.00 -17.29 26.33
N HIS A 647 37.30 -17.89 27.29
CA HIS A 647 36.24 -18.83 27.00
C HIS A 647 34.95 -18.37 27.67
N MET A 648 33.87 -18.34 26.90
CA MET A 648 32.54 -18.01 27.40
C MET A 648 31.64 -19.22 27.25
N ASP A 649 31.01 -19.64 28.36
CA ASP A 649 30.14 -20.79 28.33
C ASP A 649 28.67 -20.43 28.10
N GLY A 650 28.31 -19.17 28.31
CA GLY A 650 26.92 -18.77 28.24
C GLY A 650 26.10 -19.10 29.45
N ARG A 651 26.73 -19.59 30.52
CA ARG A 651 26.01 -19.98 31.73
C ARG A 651 26.24 -19.06 32.91
N GLY A 652 27.31 -18.28 32.91
CA GLY A 652 27.55 -17.32 33.98
C GLY A 652 28.99 -17.16 34.39
N ASN A 653 29.83 -18.13 34.06
CA ASN A 653 31.24 -18.10 34.43
C ASN A 653 32.11 -18.05 33.17
N TYR A 654 33.41 -17.87 33.38
CA TYR A 654 34.36 -17.79 32.29
C TYR A 654 35.75 -18.11 32.81
N GLU A 655 36.66 -18.42 31.89
CA GLU A 655 38.05 -18.66 32.19
C GLU A 655 38.93 -17.85 31.26
N PHE A 656 39.99 -17.26 31.81
CA PHE A 656 40.89 -16.44 31.03
C PHE A 656 42.34 -16.85 31.25
N ASP B 69 -5.76 -3.05 -28.64
CA ASP B 69 -6.17 -4.21 -27.86
C ASP B 69 -7.39 -4.87 -28.49
N LYS B 70 -7.15 -5.68 -29.53
CA LYS B 70 -8.24 -6.36 -30.22
C LYS B 70 -8.78 -7.53 -29.40
N VAL B 71 -7.88 -8.32 -28.80
CA VAL B 71 -8.29 -9.48 -28.02
C VAL B 71 -8.88 -9.10 -26.66
N PHE B 72 -8.67 -7.87 -26.21
CA PHE B 72 -9.24 -7.45 -24.94
C PHE B 72 -10.76 -7.48 -24.99
N PHE B 73 -11.36 -7.04 -26.10
CA PHE B 73 -12.81 -7.12 -26.23
C PHE B 73 -13.29 -8.55 -26.28
N SER B 74 -12.54 -9.42 -26.97
CA SER B 74 -12.92 -10.83 -27.05
C SER B 74 -12.87 -11.50 -25.67
N ARG B 75 -11.83 -11.19 -24.90
CA ARG B 75 -11.74 -11.75 -23.55
C ARG B 75 -12.79 -11.16 -22.63
N LEU B 76 -13.07 -9.86 -22.76
CA LEU B 76 -14.08 -9.22 -21.92
C LEU B 76 -15.47 -9.79 -22.18
N ILE B 77 -15.74 -10.23 -23.41
CA ILE B 77 -17.04 -10.80 -23.72
C ILE B 77 -17.26 -12.10 -22.94
N GLN B 78 -16.22 -12.95 -22.86
CA GLN B 78 -16.35 -14.21 -22.15
C GLN B 78 -16.65 -13.99 -20.68
N ILE B 79 -16.00 -13.02 -20.06
CA ILE B 79 -16.29 -12.70 -18.66
C ILE B 79 -17.70 -12.13 -18.53
N LEU B 80 -18.13 -11.34 -19.52
CA LEU B 80 -19.46 -10.74 -19.46
C LEU B 80 -20.55 -11.80 -19.46
N LYS B 81 -20.38 -12.84 -20.29
CA LYS B 81 -21.38 -13.91 -20.34
C LYS B 81 -21.48 -14.64 -19.00
N ILE B 82 -20.41 -14.62 -18.20
CA ILE B 82 -20.47 -15.18 -16.86
C ILE B 82 -21.31 -14.29 -15.95
N MET B 83 -21.12 -12.97 -16.02
CA MET B 83 -21.83 -12.04 -15.15
C MET B 83 -23.20 -11.65 -15.68
N VAL B 84 -23.50 -11.95 -16.94
CA VAL B 84 -24.84 -11.73 -17.49
C VAL B 84 -25.29 -13.06 -18.13
N PRO B 85 -25.73 -14.03 -17.34
CA PRO B 85 -25.96 -15.37 -17.87
C PRO B 85 -27.05 -15.43 -18.92
N ARG B 86 -28.24 -14.97 -18.57
CA ARG B 86 -29.42 -15.05 -19.43
C ARG B 86 -29.93 -13.65 -19.71
N THR B 87 -31.01 -13.58 -20.50
CA THR B 87 -31.62 -12.32 -20.88
C THR B 87 -32.75 -11.91 -19.94
N PHE B 88 -32.95 -12.66 -18.85
CA PHE B 88 -33.98 -12.34 -17.85
C PHE B 88 -33.37 -12.58 -16.47
N CYS B 89 -32.76 -11.55 -15.91
CA CYS B 89 -32.16 -11.62 -14.58
C CYS B 89 -32.05 -10.21 -14.03
N LYS B 90 -31.57 -10.09 -12.79
CA LYS B 90 -31.42 -8.78 -12.18
C LYS B 90 -30.41 -7.93 -12.93
N GLU B 91 -29.32 -8.55 -13.40
CA GLU B 91 -28.29 -7.79 -14.11
C GLU B 91 -28.85 -7.19 -15.38
N THR B 92 -29.67 -7.94 -16.13
CA THR B 92 -30.36 -7.37 -17.27
C THR B 92 -31.34 -6.29 -16.82
N GLY B 93 -32.03 -6.52 -15.71
CA GLY B 93 -32.95 -5.52 -15.20
C GLY B 93 -32.27 -4.24 -14.78
N TYR B 94 -31.11 -4.36 -14.12
CA TYR B 94 -30.37 -3.17 -13.72
C TYR B 94 -29.75 -2.47 -14.93
N LEU B 95 -29.32 -3.24 -15.92
CA LEU B 95 -28.72 -2.63 -17.12
C LEU B 95 -29.74 -1.77 -17.86
N VAL B 96 -30.99 -2.26 -17.95
CA VAL B 96 -32.04 -1.46 -18.59
C VAL B 96 -32.40 -0.26 -17.73
N LEU B 97 -32.44 -0.43 -16.40
CA LEU B 97 -32.76 0.69 -15.51
C LEU B 97 -31.71 1.79 -15.59
N ILE B 98 -30.43 1.40 -15.63
CA ILE B 98 -29.36 2.39 -15.74
C ILE B 98 -29.48 3.14 -17.06
N ALA B 99 -29.74 2.41 -18.16
CA ALA B 99 -29.88 3.05 -19.46
C ALA B 99 -31.08 3.99 -19.48
N VAL B 100 -32.16 3.62 -18.79
CA VAL B 100 -33.34 4.49 -18.73
C VAL B 100 -33.03 5.75 -17.91
N MET B 101 -32.32 5.59 -16.79
CA MET B 101 -31.96 6.74 -15.97
C MET B 101 -30.72 7.45 -16.48
N LEU B 102 -30.06 6.93 -17.52
CA LEU B 102 -29.01 7.70 -18.18
C LEU B 102 -29.62 8.64 -19.21
N VAL B 103 -30.65 8.18 -19.92
CA VAL B 103 -31.36 9.04 -20.86
C VAL B 103 -32.16 10.10 -20.11
N SER B 104 -32.84 9.71 -19.03
CA SER B 104 -33.67 10.65 -18.30
C SER B 104 -32.85 11.58 -17.42
N ARG B 105 -31.58 11.28 -17.16
CA ARG B 105 -30.73 12.20 -16.42
C ARG B 105 -30.28 13.36 -17.32
N THR B 106 -30.05 13.07 -18.60
CA THR B 106 -29.69 14.14 -19.53
C THR B 106 -30.84 15.09 -19.76
N TYR B 107 -32.07 14.57 -19.87
CA TYR B 107 -33.23 15.44 -20.01
C TYR B 107 -33.40 16.33 -18.78
N CYS B 108 -33.20 15.77 -17.60
CA CYS B 108 -33.29 16.58 -16.38
C CYS B 108 -32.18 17.62 -16.32
N ASP B 109 -31.03 17.33 -16.92
CA ASP B 109 -29.95 18.31 -16.94
C ASP B 109 -30.23 19.44 -17.91
N VAL B 110 -30.82 19.12 -19.06
CA VAL B 110 -31.20 20.16 -20.02
C VAL B 110 -32.37 20.98 -19.49
N TRP B 111 -33.33 20.33 -18.83
CA TRP B 111 -34.48 21.05 -18.29
C TRP B 111 -34.04 22.09 -17.27
N MET B 112 -33.03 21.77 -16.46
CA MET B 112 -32.47 22.75 -15.55
C MET B 112 -31.78 23.89 -16.29
N ILE B 113 -31.15 23.59 -17.43
CA ILE B 113 -30.53 24.63 -18.23
C ILE B 113 -31.58 25.61 -18.73
N GLN B 114 -32.68 25.09 -19.26
CA GLN B 114 -33.73 25.95 -19.81
C GLN B 114 -34.49 26.67 -18.69
N ASN B 115 -34.84 25.94 -17.62
CA ASN B 115 -35.58 26.56 -16.54
C ASN B 115 -34.71 27.52 -15.74
N GLY B 116 -33.43 27.20 -15.58
CA GLY B 116 -32.56 28.06 -14.81
C GLY B 116 -32.43 29.45 -15.41
N THR B 117 -32.35 29.54 -16.74
CA THR B 117 -32.24 30.83 -17.40
C THR B 117 -33.58 31.56 -17.50
N LEU B 118 -34.67 30.92 -17.11
CA LEU B 118 -35.97 31.57 -17.06
C LEU B 118 -36.28 32.13 -15.68
N ILE B 119 -35.72 31.55 -14.63
CA ILE B 119 -35.73 32.22 -13.33
C ILE B 119 -34.88 33.48 -13.38
N GLU B 120 -33.72 33.41 -14.03
CA GLU B 120 -32.82 34.55 -14.09
C GLU B 120 -33.38 35.67 -14.97
N SER B 121 -34.08 35.31 -16.05
CA SER B 121 -34.71 36.33 -16.87
C SER B 121 -35.86 37.00 -16.12
N GLY B 122 -36.61 36.22 -15.33
CA GLY B 122 -37.66 36.81 -14.52
C GLY B 122 -37.13 37.71 -13.43
N ILE B 123 -35.98 37.37 -12.85
CA ILE B 123 -35.39 38.20 -11.81
C ILE B 123 -35.01 39.57 -12.35
N ILE B 124 -34.29 39.60 -13.47
CA ILE B 124 -33.77 40.85 -14.01
C ILE B 124 -34.69 41.47 -15.04
N GLY B 125 -35.78 40.80 -15.40
CA GLY B 125 -36.90 41.48 -15.99
C GLY B 125 -37.74 42.22 -15.00
N ARG B 126 -37.39 42.09 -13.72
CA ARG B 126 -38.02 42.80 -12.61
C ARG B 126 -39.51 42.50 -12.51
N SER B 127 -39.91 41.27 -12.84
CA SER B 127 -41.27 40.82 -12.70
C SER B 127 -41.32 39.72 -11.63
N ARG B 128 -42.13 39.95 -10.60
CA ARG B 128 -42.27 38.94 -9.55
C ARG B 128 -43.11 37.77 -10.01
N LYS B 129 -44.01 37.99 -10.95
CA LYS B 129 -44.84 36.89 -11.46
C LYS B 129 -43.99 35.85 -12.18
N ASP B 130 -43.02 36.29 -12.98
CA ASP B 130 -42.18 35.36 -13.72
C ASP B 130 -41.17 34.67 -12.81
N PHE B 131 -40.72 35.37 -11.76
CA PHE B 131 -39.80 34.75 -10.80
C PHE B 131 -40.50 33.62 -10.05
N LYS B 132 -41.73 33.87 -9.59
CA LYS B 132 -42.48 32.82 -8.90
C LYS B 132 -42.90 31.71 -9.84
N ARG B 133 -43.22 32.04 -11.09
CA ARG B 133 -43.69 31.02 -12.02
C ARG B 133 -42.61 29.99 -12.30
N TYR B 134 -41.36 30.42 -12.43
CA TYR B 134 -40.28 29.53 -12.80
C TYR B 134 -39.47 29.02 -11.62
N LEU B 135 -39.56 29.68 -10.45
CA LEU B 135 -38.96 29.11 -9.26
C LEU B 135 -39.79 27.97 -8.71
N LEU B 136 -41.12 28.06 -8.82
CA LEU B 136 -41.98 26.98 -8.34
C LEU B 136 -41.89 25.77 -9.25
N ASN B 137 -41.62 25.96 -10.53
CA ASN B 137 -41.35 24.82 -11.41
C ASN B 137 -40.07 24.10 -10.99
N PHE B 138 -39.06 24.86 -10.58
CA PHE B 138 -37.84 24.25 -10.06
C PHE B 138 -38.08 23.54 -8.75
N ILE B 139 -38.86 24.14 -7.85
CA ILE B 139 -39.12 23.53 -6.56
C ILE B 139 -39.96 22.28 -6.72
N ALA B 140 -40.93 22.29 -7.64
CA ALA B 140 -41.77 21.12 -7.85
C ALA B 140 -41.00 19.98 -8.48
N ALA B 141 -40.06 20.29 -9.37
CA ALA B 141 -39.37 19.27 -10.14
C ALA B 141 -38.07 18.79 -9.48
N MET B 142 -37.64 19.41 -8.39
CA MET B 142 -36.38 18.98 -7.78
C MET B 142 -36.50 17.66 -7.02
N PRO B 143 -37.66 17.28 -6.44
CA PRO B 143 -37.75 15.91 -5.92
C PRO B 143 -37.59 14.85 -7.01
N LEU B 144 -38.08 15.11 -8.23
CA LEU B 144 -37.94 14.15 -9.31
C LEU B 144 -36.53 14.17 -9.90
N ILE B 145 -35.90 15.35 -9.97
CA ILE B 145 -34.54 15.42 -10.47
C ILE B 145 -33.59 14.68 -9.55
N SER B 146 -33.75 14.87 -8.24
CA SER B 146 -32.90 14.17 -7.28
C SER B 146 -33.19 12.67 -7.29
N LEU B 147 -34.45 12.28 -7.49
CA LEU B 147 -34.79 10.87 -7.59
C LEU B 147 -34.13 10.22 -8.80
N VAL B 148 -34.15 10.91 -9.95
CA VAL B 148 -33.51 10.38 -11.14
C VAL B 148 -32.00 10.30 -10.95
N ASN B 149 -31.40 11.33 -10.34
CA ASN B 149 -29.95 11.39 -10.23
C ASN B 149 -29.43 10.37 -9.22
N ASN B 150 -30.18 10.12 -8.15
CA ASN B 150 -29.73 9.19 -7.13
C ASN B 150 -30.19 7.76 -7.36
N PHE B 151 -31.21 7.55 -8.19
CA PHE B 151 -31.58 6.19 -8.55
C PHE B 151 -30.66 5.63 -9.63
N LEU B 152 -29.99 6.49 -10.38
CA LEU B 152 -28.95 6.04 -11.28
C LEU B 152 -27.73 5.56 -10.52
N LYS B 153 -27.33 6.30 -9.48
CA LYS B 153 -26.20 5.87 -8.66
C LYS B 153 -26.52 4.60 -7.91
N TYR B 154 -27.77 4.43 -7.46
CA TYR B 154 -28.17 3.19 -6.83
C TYR B 154 -28.12 2.02 -7.80
N GLY B 155 -28.56 2.24 -9.04
CA GLY B 155 -28.53 1.18 -10.02
C GLY B 155 -27.11 0.78 -10.41
N LEU B 156 -26.20 1.75 -10.44
CA LEU B 156 -24.81 1.44 -10.75
C LEU B 156 -24.17 0.63 -9.63
N ASN B 157 -24.35 1.06 -8.38
CA ASN B 157 -23.76 0.35 -7.26
C ASN B 157 -24.33 -1.05 -7.12
N GLU B 158 -25.63 -1.21 -7.33
CA GLU B 158 -26.24 -2.53 -7.23
C GLU B 158 -25.75 -3.44 -8.35
N LEU B 159 -25.46 -2.89 -9.53
CA LEU B 159 -24.89 -3.69 -10.60
C LEU B 159 -23.45 -4.08 -10.31
N LYS B 160 -22.70 -3.19 -9.67
CA LYS B 160 -21.34 -3.53 -9.26
C LYS B 160 -21.33 -4.70 -8.29
N LEU B 161 -22.27 -4.71 -7.34
CA LEU B 161 -22.36 -5.81 -6.39
C LEU B 161 -22.89 -7.07 -7.05
N CYS B 162 -23.89 -6.94 -7.92
CA CYS B 162 -24.44 -8.11 -8.61
C CYS B 162 -23.42 -8.73 -9.55
N PHE B 163 -22.53 -7.92 -10.11
CA PHE B 163 -21.48 -8.44 -10.98
C PHE B 163 -20.43 -9.20 -10.17
N ARG B 164 -20.06 -8.67 -8.99
CA ARG B 164 -19.06 -9.33 -8.17
C ARG B 164 -19.56 -10.66 -7.63
N VAL B 165 -20.84 -10.73 -7.25
CA VAL B 165 -21.41 -11.98 -6.76
C VAL B 165 -21.47 -13.01 -7.88
N ARG B 166 -21.81 -12.57 -9.10
CA ARG B 166 -21.91 -13.50 -10.22
C ARG B 166 -20.54 -14.07 -10.58
N LEU B 167 -19.50 -13.25 -10.53
CA LEU B 167 -18.16 -13.74 -10.85
C LEU B 167 -17.62 -14.63 -9.74
N THR B 168 -17.82 -14.24 -8.48
CA THR B 168 -17.30 -15.01 -7.36
C THR B 168 -17.91 -16.41 -7.32
N LYS B 169 -19.22 -16.51 -7.54
CA LYS B 169 -19.87 -17.82 -7.59
C LYS B 169 -19.49 -18.62 -8.82
N TYR B 170 -18.58 -18.13 -9.65
CA TYR B 170 -18.02 -18.88 -10.76
C TYR B 170 -16.54 -19.14 -10.60
N LEU B 171 -15.80 -18.20 -10.01
CA LEU B 171 -14.38 -18.39 -9.74
C LEU B 171 -14.13 -19.25 -8.52
N TYR B 172 -15.17 -19.56 -7.73
CA TYR B 172 -15.01 -20.40 -6.56
C TYR B 172 -15.58 -21.81 -6.73
N GLU B 173 -16.37 -22.05 -7.78
CA GLU B 173 -16.73 -23.43 -8.12
C GLU B 173 -15.56 -24.12 -8.79
N GLU B 174 -14.81 -23.41 -9.62
CA GLU B 174 -13.62 -23.99 -10.24
C GLU B 174 -12.45 -24.05 -9.25
N TYR B 175 -12.36 -23.07 -8.36
CA TYR B 175 -11.24 -23.03 -7.41
C TYR B 175 -11.31 -24.18 -6.43
N LEU B 176 -12.46 -24.40 -5.81
CA LEU B 176 -12.62 -25.48 -4.83
C LEU B 176 -13.34 -26.67 -5.45
N GLN B 177 -12.72 -27.29 -6.47
CA GLN B 177 -13.32 -28.47 -7.08
C GLN B 177 -12.77 -29.77 -6.48
N ALA B 178 -11.50 -30.04 -6.71
CA ALA B 178 -10.84 -31.18 -6.07
C ALA B 178 -9.61 -30.75 -5.29
N PHE B 179 -8.54 -30.34 -5.94
CA PHE B 179 -7.40 -29.94 -5.08
C PHE B 179 -6.87 -28.60 -5.54
N THR B 180 -7.65 -27.92 -6.38
CA THR B 180 -7.19 -26.68 -6.99
C THR B 180 -6.85 -25.59 -6.00
N TYR B 181 -7.38 -25.48 -4.80
CA TYR B 181 -6.83 -24.41 -3.94
C TYR B 181 -5.38 -24.81 -3.68
N TYR B 182 -5.11 -26.14 -3.66
CA TYR B 182 -3.79 -26.61 -3.28
C TYR B 182 -2.83 -26.65 -4.46
N LYS B 183 -3.31 -27.12 -5.61
CA LYS B 183 -2.44 -27.25 -6.77
C LYS B 183 -1.92 -25.89 -7.23
N MET B 184 -2.78 -24.88 -7.22
CA MET B 184 -2.36 -23.57 -7.69
C MET B 184 -1.32 -22.94 -6.77
N GLY B 185 -1.39 -23.23 -5.47
CA GLY B 185 -0.48 -22.64 -4.52
C GLY B 185 0.96 -23.09 -4.65
N ASN B 186 1.22 -24.36 -4.33
CA ASN B 186 2.58 -24.89 -4.28
C ASN B 186 2.82 -25.99 -5.29
N LEU B 187 2.07 -26.01 -6.39
CA LEU B 187 2.35 -26.90 -7.50
C LEU B 187 2.43 -26.20 -8.84
N ASP B 188 1.87 -25.00 -8.98
CA ASP B 188 2.06 -24.16 -10.15
C ASP B 188 2.86 -22.92 -9.77
N ASN B 189 3.14 -22.10 -10.78
CA ASN B 189 3.78 -20.81 -10.59
C ASN B 189 3.11 -19.71 -11.39
N ARG B 190 1.97 -20.00 -12.03
CA ARG B 190 1.31 -19.01 -12.88
C ARG B 190 0.82 -17.82 -12.07
N ILE B 191 0.21 -18.07 -10.91
CA ILE B 191 -0.29 -17.02 -10.04
C ILE B 191 0.49 -17.07 -8.73
N ALA B 192 1.17 -15.97 -8.41
CA ALA B 192 1.97 -15.92 -7.20
C ALA B 192 1.09 -15.78 -5.95
N ASN B 193 0.04 -14.98 -6.03
CA ASN B 193 -0.84 -14.70 -4.90
C ASN B 193 -2.28 -14.99 -5.32
N PRO B 194 -2.70 -16.25 -5.27
CA PRO B 194 -4.10 -16.56 -5.59
C PRO B 194 -5.09 -15.94 -4.62
N ASP B 195 -4.65 -15.62 -3.39
CA ASP B 195 -5.56 -15.03 -2.43
C ASP B 195 -6.05 -13.66 -2.88
N GLN B 196 -5.14 -12.80 -3.30
CA GLN B 196 -5.53 -11.48 -3.82
C GLN B 196 -5.79 -11.53 -5.32
N LEU B 197 -6.56 -12.53 -5.73
CA LEU B 197 -7.06 -12.65 -7.09
C LEU B 197 -8.52 -13.07 -7.17
N LEU B 198 -9.09 -13.58 -6.08
CA LEU B 198 -10.49 -13.96 -6.03
C LEU B 198 -11.31 -13.08 -5.10
N THR B 199 -10.68 -12.17 -4.37
CA THR B 199 -11.41 -11.30 -3.46
C THR B 199 -11.09 -9.83 -3.71
N GLN B 200 -9.85 -9.54 -4.13
CA GLN B 200 -9.40 -8.17 -4.31
C GLN B 200 -9.46 -7.71 -5.77
N ASP B 201 -8.97 -8.54 -6.69
CA ASP B 201 -8.97 -8.15 -8.10
C ASP B 201 -10.34 -8.39 -8.73
N VAL B 202 -11.14 -9.30 -8.17
CA VAL B 202 -12.49 -9.49 -8.68
C VAL B 202 -13.36 -8.29 -8.35
N GLU B 203 -13.19 -7.71 -7.16
CA GLU B 203 -13.96 -6.54 -6.79
C GLU B 203 -13.62 -5.33 -7.64
N LYS B 204 -12.33 -5.14 -7.93
CA LYS B 204 -11.91 -3.98 -8.71
C LYS B 204 -12.24 -4.15 -10.19
N PHE B 205 -12.31 -5.39 -10.68
CA PHE B 205 -12.70 -5.61 -12.07
C PHE B 205 -14.17 -5.26 -12.28
N CYS B 206 -15.04 -5.73 -11.39
CA CYS B 206 -16.46 -5.47 -11.53
C CYS B 206 -16.77 -3.99 -11.30
N ASN B 207 -16.03 -3.35 -10.37
CA ASN B 207 -16.20 -1.93 -10.13
C ASN B 207 -15.73 -1.08 -11.30
N SER B 208 -15.05 -1.67 -12.28
CA SER B 208 -14.54 -0.93 -13.43
C SER B 208 -15.27 -1.25 -14.73
N VAL B 209 -15.90 -2.43 -14.83
CA VAL B 209 -16.62 -2.76 -16.05
C VAL B 209 -17.94 -1.99 -16.12
N VAL B 210 -18.53 -1.65 -14.97
CA VAL B 210 -19.73 -0.82 -14.97
C VAL B 210 -19.41 0.65 -14.75
N ASP B 211 -18.26 0.97 -14.14
CA ASP B 211 -17.79 2.35 -14.15
C ASP B 211 -17.53 2.81 -15.58
N LEU B 212 -16.93 1.94 -16.39
CA LEU B 212 -16.76 2.25 -17.81
C LEU B 212 -18.09 2.31 -18.53
N TYR B 213 -19.06 1.51 -18.11
CA TYR B 213 -20.38 1.57 -18.72
C TYR B 213 -21.04 2.92 -18.47
N SER B 214 -20.89 3.47 -17.27
CA SER B 214 -21.49 4.77 -16.96
C SER B 214 -20.62 5.92 -17.45
N ASN B 215 -19.33 5.92 -17.08
CA ASN B 215 -18.46 7.04 -17.40
C ASN B 215 -18.21 7.22 -18.89
N LEU B 216 -18.56 6.24 -19.71
CA LEU B 216 -18.41 6.36 -21.15
C LEU B 216 -19.72 6.69 -21.87
N SER B 217 -20.84 6.14 -21.41
CA SER B 217 -22.13 6.41 -22.04
C SER B 217 -22.88 7.57 -21.41
N LYS B 218 -22.44 8.06 -20.26
CA LYS B 218 -23.08 9.23 -19.66
C LYS B 218 -22.65 10.50 -20.38
N PRO B 219 -21.34 10.78 -20.54
CA PRO B 219 -20.96 11.97 -21.31
C PRO B 219 -20.87 11.68 -22.80
N PHE B 220 -21.78 10.87 -23.30
CA PHE B 220 -21.90 10.64 -24.73
C PHE B 220 -23.31 10.89 -25.22
N LEU B 221 -24.32 10.56 -24.42
CA LEU B 221 -25.69 10.90 -24.79
C LEU B 221 -25.87 12.41 -24.86
N ASP B 222 -25.29 13.13 -23.90
CA ASP B 222 -25.39 14.59 -23.92
C ASP B 222 -24.51 15.20 -25.00
N ILE B 223 -23.40 14.55 -25.34
CA ILE B 223 -22.58 15.01 -26.46
C ILE B 223 -23.41 15.03 -27.74
N VAL B 224 -24.13 13.95 -27.99
CA VAL B 224 -25.01 13.89 -29.16
C VAL B 224 -26.18 14.84 -29.00
N LEU B 225 -26.72 14.95 -27.79
CA LEU B 225 -27.89 15.80 -27.56
C LEU B 225 -27.51 17.28 -27.63
N TYR B 226 -26.36 17.65 -27.07
CA TYR B 226 -25.96 19.06 -27.09
C TYR B 226 -25.52 19.48 -28.48
N ILE B 227 -24.86 18.60 -29.23
CA ILE B 227 -24.53 18.91 -30.62
C ILE B 227 -25.80 19.08 -31.44
N PHE B 228 -26.79 18.23 -31.21
CA PHE B 228 -28.06 18.35 -31.89
C PHE B 228 -28.80 19.61 -31.47
N LYS B 229 -28.62 20.06 -30.23
CA LYS B 229 -29.32 21.24 -29.73
C LYS B 229 -28.56 22.53 -30.01
N LEU B 230 -27.24 22.52 -29.88
CA LEU B 230 -26.46 23.71 -30.20
C LEU B 230 -26.51 24.01 -31.70
N THR B 231 -26.50 22.97 -32.53
CA THR B 231 -26.91 23.16 -33.92
C THR B 231 -28.36 23.59 -33.95
N SER B 232 -28.70 24.44 -34.91
CA SER B 232 -29.97 25.16 -34.99
C SER B 232 -30.13 26.18 -33.88
N ALA B 233 -29.09 26.39 -33.07
CA ALA B 233 -29.06 27.44 -32.06
C ALA B 233 -27.91 28.42 -32.27
N ILE B 234 -26.73 27.93 -32.65
CA ILE B 234 -25.60 28.78 -33.00
C ILE B 234 -25.05 28.35 -34.34
N GLY B 235 -25.81 27.52 -35.06
CA GLY B 235 -25.42 27.04 -36.36
C GLY B 235 -24.64 25.73 -36.30
N ALA B 236 -24.42 25.16 -37.47
CA ALA B 236 -23.66 23.91 -37.55
C ALA B 236 -22.19 24.13 -37.21
N GLN B 237 -21.64 25.28 -37.61
CA GLN B 237 -20.24 25.59 -37.33
C GLN B 237 -20.00 25.92 -35.86
N GLY B 238 -21.05 26.09 -35.07
CA GLY B 238 -20.90 26.38 -33.66
C GLY B 238 -20.22 25.26 -32.91
N PRO B 239 -20.90 24.11 -32.78
CA PRO B 239 -20.27 22.97 -32.08
C PRO B 239 -19.42 22.12 -33.01
N ALA B 240 -18.71 22.75 -33.92
CA ALA B 240 -17.71 22.09 -34.75
C ALA B 240 -16.38 22.79 -34.67
N SER B 241 -16.36 24.12 -34.56
CA SER B 241 -15.14 24.85 -34.27
C SER B 241 -14.71 24.65 -32.83
N MET B 242 -15.66 24.36 -31.93
CA MET B 242 -15.31 23.97 -30.58
C MET B 242 -14.76 22.55 -30.53
N MET B 243 -15.36 21.64 -31.29
CA MET B 243 -14.78 20.31 -31.43
C MET B 243 -13.40 20.38 -32.05
N ALA B 244 -13.24 21.20 -33.09
CA ALA B 244 -11.94 21.32 -33.73
C ALA B 244 -10.91 21.89 -32.77
N TYR B 245 -11.26 22.93 -32.01
CA TYR B 245 -10.29 23.53 -31.11
C TYR B 245 -9.95 22.60 -29.95
N LEU B 246 -10.97 22.00 -29.33
CA LEU B 246 -10.70 21.14 -28.18
C LEU B 246 -9.85 19.94 -28.57
N VAL B 247 -10.14 19.34 -29.73
CA VAL B 247 -9.36 18.18 -30.16
C VAL B 247 -7.95 18.59 -30.57
N VAL B 248 -7.83 19.67 -31.34
CA VAL B 248 -6.52 20.10 -31.82
C VAL B 248 -5.67 20.60 -30.66
N SER B 249 -6.24 21.44 -29.80
CA SER B 249 -5.49 21.94 -28.65
C SER B 249 -5.20 20.83 -27.65
N GLY B 250 -6.07 19.84 -27.55
CA GLY B 250 -5.79 18.72 -26.68
C GLY B 250 -4.62 17.88 -27.14
N LEU B 251 -4.55 17.62 -28.45
CA LEU B 251 -3.41 16.87 -28.98
C LEU B 251 -2.12 17.65 -28.83
N PHE B 252 -2.15 18.96 -29.09
CA PHE B 252 -0.96 19.78 -28.96
C PHE B 252 -0.47 19.81 -27.52
N LEU B 253 -1.39 19.93 -26.57
CA LEU B 253 -0.99 19.93 -25.16
C LEU B 253 -0.38 18.60 -24.75
N THR B 254 -1.01 17.49 -25.14
CA THR B 254 -0.47 16.17 -24.79
C THR B 254 0.90 15.95 -25.40
N ARG B 255 1.08 16.36 -26.66
CA ARG B 255 2.39 16.26 -27.29
C ARG B 255 3.41 17.16 -26.61
N LEU B 256 2.97 18.36 -26.20
CA LEU B 256 3.90 19.30 -25.57
C LEU B 256 4.35 18.83 -24.20
N ARG B 257 3.45 18.20 -23.43
CA ARG B 257 3.77 17.71 -22.10
C ARG B 257 4.25 16.26 -22.11
N ARG B 258 4.85 15.80 -23.21
CA ARG B 258 5.45 14.48 -23.24
C ARG B 258 6.47 14.28 -22.14
N PRO B 259 7.43 15.21 -21.87
CA PRO B 259 8.39 15.02 -20.77
C PRO B 259 7.81 15.34 -19.40
N ILE B 260 6.64 14.79 -19.11
CA ILE B 260 6.05 14.81 -17.77
C ILE B 260 6.03 13.42 -17.17
N GLY B 261 5.54 12.43 -17.91
CA GLY B 261 5.71 11.05 -17.52
C GLY B 261 7.09 10.50 -17.78
N LYS B 262 7.90 11.21 -18.56
CA LYS B 262 9.28 10.79 -18.78
C LYS B 262 10.16 11.12 -17.58
N MET B 263 9.92 12.27 -16.95
CA MET B 263 10.63 12.61 -15.73
C MET B 263 9.83 12.32 -14.47
N THR B 264 8.63 11.74 -14.60
CA THR B 264 7.95 11.21 -13.43
C THR B 264 8.60 9.91 -12.95
N ILE B 265 9.01 9.06 -13.89
CA ILE B 265 9.70 7.84 -13.53
C ILE B 265 11.08 8.15 -12.96
N THR B 266 11.75 9.18 -13.46
CA THR B 266 13.06 9.55 -12.92
C THR B 266 12.93 10.00 -11.47
N GLU B 267 11.88 10.77 -11.15
CA GLU B 267 11.62 11.11 -9.76
C GLU B 267 11.31 9.88 -8.93
N GLN B 268 10.50 8.97 -9.47
CA GLN B 268 10.18 7.74 -8.75
C GLN B 268 11.42 6.89 -8.55
N LYS B 269 12.28 6.81 -9.55
CA LYS B 269 13.54 6.08 -9.40
C LYS B 269 14.41 6.72 -8.34
N TYR B 270 14.49 8.05 -8.34
CA TYR B 270 15.28 8.75 -7.32
C TYR B 270 14.65 8.63 -5.95
N GLU B 271 13.32 8.71 -5.87
CA GLU B 271 12.63 8.48 -4.60
C GLU B 271 12.84 7.06 -4.12
N GLY B 272 12.73 6.09 -5.02
CA GLY B 272 12.83 4.69 -4.61
C GLY B 272 14.21 4.32 -4.10
N GLU B 273 15.25 4.92 -4.67
CA GLU B 273 16.61 4.64 -4.24
C GLU B 273 17.10 5.60 -3.16
N TYR B 274 16.30 6.62 -2.81
CA TYR B 274 16.56 7.37 -1.59
C TYR B 274 16.10 6.61 -0.36
N ARG B 275 15.01 5.83 -0.49
CA ARG B 275 14.60 4.94 0.58
C ARG B 275 15.54 3.74 0.70
N TYR B 276 16.22 3.39 -0.39
CA TYR B 276 17.14 2.25 -0.35
C TYR B 276 18.38 2.57 0.49
N VAL B 277 18.99 3.72 0.25
CA VAL B 277 20.18 4.08 1.02
C VAL B 277 19.83 4.31 2.48
N ASN B 278 18.56 4.59 2.79
CA ASN B 278 18.14 4.68 4.18
C ASN B 278 17.94 3.29 4.78
N SER B 279 17.24 2.41 4.05
CA SER B 279 17.01 1.06 4.55
C SER B 279 18.31 0.28 4.64
N ARG B 280 19.21 0.46 3.66
CA ARG B 280 20.50 -0.19 3.73
C ARG B 280 21.34 0.33 4.89
N LEU B 281 21.07 1.55 5.35
CA LEU B 281 21.78 2.07 6.52
C LEU B 281 21.26 1.44 7.80
N ILE B 282 19.99 1.07 7.84
CA ILE B 282 19.38 0.55 9.07
C ILE B 282 19.57 -0.95 9.20
N THR B 283 19.25 -1.71 8.15
CA THR B 283 19.39 -3.17 8.21
C THR B 283 20.85 -3.60 8.17
N ASN B 284 21.79 -2.67 8.26
CA ASN B 284 23.21 -2.99 8.18
C ASN B 284 24.02 -2.08 9.10
N SER B 285 23.36 -1.38 10.03
CA SER B 285 24.02 -0.43 10.92
C SER B 285 24.89 -1.09 11.98
N GLU B 286 24.79 -2.42 12.15
CA GLU B 286 25.59 -3.10 13.16
C GLU B 286 27.07 -2.96 12.86
N GLU B 287 27.46 -3.20 11.61
CA GLU B 287 28.87 -3.09 11.24
C GLU B 287 29.29 -1.64 11.01
N ILE B 288 28.36 -0.80 10.56
CA ILE B 288 28.69 0.61 10.32
C ILE B 288 29.13 1.28 11.60
N ALA B 289 28.42 1.01 12.71
CA ALA B 289 28.73 1.67 13.98
C ALA B 289 30.04 1.21 14.59
N PHE B 290 30.54 0.04 14.19
CA PHE B 290 31.82 -0.41 14.74
C PHE B 290 32.98 0.38 14.16
N TYR B 291 32.92 0.69 12.86
CA TYR B 291 33.79 1.73 12.31
C TYR B 291 33.29 3.08 12.84
N ASN B 292 33.93 4.16 12.43
CA ASN B 292 33.36 5.47 12.75
C ASN B 292 32.00 5.63 12.08
N GLY B 293 31.86 5.11 10.86
CA GLY B 293 30.56 4.99 10.22
C GLY B 293 30.05 6.24 9.56
N ASN B 294 29.59 7.20 10.36
CA ASN B 294 29.04 8.43 9.83
C ASN B 294 30.13 9.26 9.15
N LYS B 295 29.71 10.34 8.50
CA LYS B 295 30.55 11.21 7.70
C LYS B 295 31.02 10.52 6.42
N ARG B 296 30.67 9.24 6.27
CA ARG B 296 30.80 8.53 5.01
C ARG B 296 29.48 7.95 4.55
N GLU B 297 28.70 7.36 5.46
CA GLU B 297 27.33 6.99 5.14
C GLU B 297 26.37 8.15 5.31
N LYS B 298 26.82 9.25 5.91
CA LYS B 298 26.02 10.47 5.93
C LYS B 298 26.07 11.18 4.59
N GLN B 299 27.23 11.15 3.93
CA GLN B 299 27.36 11.76 2.61
C GLN B 299 26.84 10.87 1.50
N THR B 300 26.64 9.58 1.76
CA THR B 300 26.00 8.72 0.78
C THR B 300 24.51 9.05 0.66
N VAL B 301 23.82 9.17 1.80
CA VAL B 301 22.41 9.53 1.78
C VAL B 301 22.23 10.98 1.37
N HIS B 302 23.18 11.85 1.77
CA HIS B 302 23.09 13.26 1.40
C HIS B 302 23.19 13.44 -0.11
N SER B 303 24.12 12.73 -0.76
CA SER B 303 24.28 12.83 -2.20
C SER B 303 23.08 12.27 -2.95
N VAL B 304 22.50 11.18 -2.48
CA VAL B 304 21.28 10.67 -3.10
C VAL B 304 20.12 11.63 -2.93
N PHE B 305 20.13 12.45 -1.89
CA PHE B 305 19.07 13.44 -1.65
C PHE B 305 19.43 14.80 -2.23
N ARG B 306 20.52 15.40 -1.78
CA ARG B 306 20.84 16.77 -2.18
C ARG B 306 21.22 16.84 -3.65
N LYS B 307 21.95 15.84 -4.15
CA LYS B 307 22.35 15.88 -5.55
C LYS B 307 21.31 15.21 -6.43
N LEU B 308 21.06 13.92 -6.20
CA LEU B 308 20.23 13.15 -7.12
C LEU B 308 18.80 13.64 -7.16
N VAL B 309 18.05 13.51 -6.06
CA VAL B 309 16.63 13.89 -6.07
C VAL B 309 16.58 15.37 -5.68
N GLU B 310 16.93 16.21 -6.65
CA GLU B 310 16.56 17.62 -6.71
C GLU B 310 16.23 17.96 -8.15
N HIS B 311 16.08 16.91 -8.96
CA HIS B 311 15.39 17.01 -10.24
C HIS B 311 13.96 17.47 -10.05
N LEU B 312 13.44 17.35 -8.83
CA LEU B 312 12.16 17.97 -8.50
C LEU B 312 12.16 19.47 -8.79
N HIS B 313 13.24 20.16 -8.46
CA HIS B 313 13.32 21.59 -8.77
C HIS B 313 13.28 21.82 -10.28
N ASN B 314 13.93 20.96 -11.05
CA ASN B 314 13.79 21.02 -12.50
C ASN B 314 12.43 20.48 -12.94
N PHE B 315 11.85 19.56 -12.18
CA PHE B 315 10.49 19.11 -12.45
C PHE B 315 9.49 20.21 -12.11
N ILE B 316 9.74 20.96 -11.03
CA ILE B 316 8.85 22.05 -10.64
C ILE B 316 8.93 23.19 -11.65
N LEU B 317 10.14 23.50 -12.12
CA LEU B 317 10.31 24.58 -13.08
C LEU B 317 9.62 24.25 -14.40
N PHE B 318 9.69 22.99 -14.85
CA PHE B 318 9.02 22.60 -16.08
C PHE B 318 7.51 22.68 -15.94
N ARG B 319 6.97 22.24 -14.80
CA ARG B 319 5.53 22.26 -14.60
C ARG B 319 4.98 23.67 -14.52
N PHE B 320 5.79 24.62 -14.07
CA PHE B 320 5.36 26.02 -14.09
C PHE B 320 5.21 26.53 -15.52
N SER B 321 6.24 26.32 -16.35
CA SER B 321 6.18 26.79 -17.73
C SER B 321 5.14 26.00 -18.53
N MET B 322 5.08 24.69 -18.34
CA MET B 322 4.08 23.88 -19.05
C MET B 322 2.68 24.26 -18.61
N GLY B 323 2.49 24.51 -17.31
CA GLY B 323 1.18 24.93 -16.84
C GLY B 323 0.79 26.30 -17.36
N PHE B 324 1.76 27.22 -17.47
CA PHE B 324 1.48 28.55 -17.99
C PHE B 324 0.96 28.49 -19.41
N ILE B 325 1.37 27.49 -20.19
CA ILE B 325 0.93 27.41 -21.57
C ILE B 325 -0.40 26.65 -21.68
N ASP B 326 -0.60 25.62 -20.85
CA ASP B 326 -1.84 24.85 -20.93
C ASP B 326 -3.01 25.52 -20.23
N SER B 327 -2.75 26.53 -19.40
CA SER B 327 -3.81 27.31 -18.78
C SER B 327 -4.23 28.49 -19.64
N ILE B 328 -3.57 28.71 -20.78
CA ILE B 328 -3.95 29.76 -21.71
C ILE B 328 -4.73 29.14 -22.86
N ILE B 329 -4.12 28.19 -23.57
CA ILE B 329 -4.73 27.65 -24.78
C ILE B 329 -5.80 26.61 -24.48
N ALA B 330 -5.96 26.19 -23.23
CA ALA B 330 -6.98 25.23 -22.87
C ALA B 330 -7.94 25.71 -21.81
N LYS B 331 -7.70 26.85 -21.18
CA LYS B 331 -8.57 27.36 -20.13
C LYS B 331 -9.12 28.74 -20.42
N TYR B 332 -8.32 29.64 -20.98
CA TYR B 332 -8.76 30.99 -21.30
C TYR B 332 -8.97 31.23 -22.78
N LEU B 333 -8.16 30.62 -23.64
CA LEU B 333 -8.41 30.70 -25.08
C LEU B 333 -9.52 29.77 -25.52
N ALA B 334 -9.87 28.77 -24.70
CA ALA B 334 -11.00 27.92 -25.02
C ALA B 334 -12.31 28.68 -24.85
N THR B 335 -12.39 29.52 -23.82
CA THR B 335 -13.58 30.36 -23.65
C THR B 335 -13.65 31.45 -24.70
N VAL B 336 -12.50 31.99 -25.11
CA VAL B 336 -12.49 33.00 -26.18
C VAL B 336 -13.06 32.42 -27.46
N VAL B 337 -12.75 31.16 -27.74
CA VAL B 337 -13.38 30.46 -28.86
C VAL B 337 -14.86 30.22 -28.56
N GLY B 338 -15.19 29.93 -27.30
CA GLY B 338 -16.57 29.73 -26.93
C GLY B 338 -17.42 30.97 -27.11
N TYR B 339 -16.88 32.15 -26.77
CA TYR B 339 -17.58 33.39 -27.01
C TYR B 339 -17.80 33.61 -28.50
N LEU B 340 -16.80 33.31 -29.32
CA LEU B 340 -16.87 33.62 -30.75
C LEU B 340 -17.95 32.80 -31.44
N VAL B 341 -18.02 31.49 -31.16
CA VAL B 341 -18.97 30.64 -31.86
C VAL B 341 -20.40 30.92 -31.40
N VAL B 342 -20.59 31.12 -30.09
CA VAL B 342 -21.93 31.33 -29.55
C VAL B 342 -22.48 32.70 -30.00
N SER B 343 -21.60 33.67 -30.19
CA SER B 343 -22.04 35.03 -30.48
C SER B 343 -22.43 35.25 -31.94
N ARG B 344 -22.23 34.27 -32.81
CA ARG B 344 -22.52 34.46 -34.23
C ARG B 344 -23.98 34.81 -34.51
N PRO B 345 -24.97 34.13 -33.94
CA PRO B 345 -26.37 34.54 -34.21
C PRO B 345 -26.71 35.92 -33.67
N PHE B 346 -25.96 36.45 -32.72
CA PHE B 346 -26.33 37.69 -32.05
C PHE B 346 -25.78 38.93 -32.75
N LEU B 347 -24.47 38.96 -33.01
CA LEU B 347 -23.90 40.11 -33.69
C LEU B 347 -24.24 40.15 -35.18
N ASP B 348 -24.80 39.08 -35.72
CA ASP B 348 -25.29 39.08 -37.11
C ASP B 348 -26.72 39.61 -37.08
N LEU B 349 -26.88 40.90 -37.39
CA LEU B 349 -28.19 41.53 -37.32
C LEU B 349 -29.14 41.03 -38.39
N SER B 350 -28.66 40.31 -39.40
CA SER B 350 -29.48 39.79 -40.49
C SER B 350 -29.65 38.27 -40.40
N HIS B 351 -29.61 37.72 -39.19
CA HIS B 351 -29.82 36.28 -39.00
C HIS B 351 -31.32 36.00 -39.04
N PRO B 352 -31.85 35.43 -40.12
CA PRO B 352 -33.32 35.41 -40.28
C PRO B 352 -34.01 34.41 -39.38
N ARG B 353 -33.50 33.17 -39.31
CA ARG B 353 -34.20 32.13 -38.56
C ARG B 353 -34.22 32.44 -37.07
N HIS B 354 -33.07 32.80 -36.52
CA HIS B 354 -32.93 33.08 -35.10
C HIS B 354 -33.21 34.56 -34.86
N LEU B 355 -32.74 35.10 -33.74
CA LEU B 355 -33.35 36.26 -33.09
C LEU B 355 -33.18 37.50 -33.97
N LYS B 356 -34.09 37.63 -34.92
CA LYS B 356 -34.20 38.80 -35.78
C LYS B 356 -35.32 39.74 -35.35
N SER B 357 -36.45 39.18 -34.90
CA SER B 357 -37.61 39.96 -34.47
C SER B 357 -38.01 39.55 -33.06
N THR B 358 -37.05 39.51 -32.16
CA THR B 358 -37.27 39.07 -30.79
C THR B 358 -37.08 40.22 -29.82
N HIS B 359 -37.77 40.11 -28.68
CA HIS B 359 -37.57 40.99 -27.54
C HIS B 359 -36.33 40.54 -26.80
N SER B 360 -36.13 40.98 -25.56
CA SER B 360 -34.95 40.53 -24.84
C SER B 360 -35.15 39.09 -24.36
N GLU B 361 -35.47 38.21 -25.31
CA GLU B 361 -35.31 36.77 -25.19
C GLU B 361 -33.95 36.32 -25.70
N LEU B 362 -33.15 37.25 -26.21
CA LEU B 362 -31.74 36.98 -26.48
C LEU B 362 -31.02 36.56 -25.21
N LEU B 363 -31.49 37.06 -24.07
CA LEU B 363 -30.92 36.69 -22.77
C LEU B 363 -31.05 35.19 -22.53
N GLU B 364 -32.26 34.66 -22.65
CA GLU B 364 -32.48 33.24 -22.40
C GLU B 364 -31.83 32.38 -23.47
N ASP B 365 -31.82 32.86 -24.72
CA ASP B 365 -31.22 32.08 -25.80
C ASP B 365 -29.70 32.01 -25.66
N TYR B 366 -29.08 33.09 -25.19
CA TYR B 366 -27.63 33.09 -25.05
C TYR B 366 -27.17 32.13 -23.97
N TYR B 367 -27.75 32.22 -22.77
CA TYR B 367 -27.26 31.43 -21.66
C TYR B 367 -27.67 29.97 -21.80
N GLN B 368 -28.77 29.70 -22.50
CA GLN B 368 -29.05 28.32 -22.87
C GLN B 368 -27.98 27.78 -23.81
N SER B 369 -27.60 28.56 -24.82
CA SER B 369 -26.52 28.15 -25.71
C SER B 369 -25.18 28.18 -25.02
N GLY B 370 -24.96 29.18 -24.16
CA GLY B 370 -23.71 29.26 -23.43
C GLY B 370 -23.52 28.13 -22.44
N ARG B 371 -24.59 27.74 -21.75
CA ARG B 371 -24.50 26.65 -20.79
C ARG B 371 -24.42 25.29 -21.49
N MET B 372 -25.08 25.15 -22.64
CA MET B 372 -25.00 23.91 -23.39
C MET B 372 -23.61 23.69 -23.95
N LEU B 373 -22.97 24.76 -24.43
CA LEU B 373 -21.63 24.62 -25.00
C LEU B 373 -20.61 24.30 -23.91
N LEU B 374 -20.84 24.78 -22.68
CA LEU B 374 -19.94 24.46 -21.58
C LEU B 374 -20.09 23.00 -21.16
N ARG B 375 -21.31 22.48 -21.16
CA ARG B 375 -21.52 21.08 -20.82
C ARG B 375 -21.10 20.17 -21.96
N MET B 376 -21.30 20.61 -23.21
CA MET B 376 -20.78 19.87 -24.36
C MET B 376 -19.26 19.85 -24.39
N SER B 377 -18.63 20.97 -24.02
CA SER B 377 -17.17 20.99 -23.99
C SER B 377 -16.63 20.13 -22.85
N GLN B 378 -17.26 20.18 -21.69
CA GLN B 378 -16.78 19.44 -20.53
C GLN B 378 -17.21 17.98 -20.53
N ALA B 379 -18.09 17.58 -21.45
CA ALA B 379 -18.40 16.17 -21.63
C ALA B 379 -17.29 15.44 -22.39
N LEU B 380 -16.44 16.18 -23.11
CA LEU B 380 -15.29 15.56 -23.76
C LEU B 380 -14.20 15.24 -22.76
N GLY B 381 -14.03 16.08 -21.74
CA GLY B 381 -13.07 15.78 -20.71
C GLY B 381 -13.39 14.54 -19.91
N ARG B 382 -14.65 14.10 -19.94
CA ARG B 382 -15.04 12.86 -19.28
C ARG B 382 -15.08 11.68 -20.23
N ILE B 383 -15.26 11.92 -21.53
CA ILE B 383 -15.18 10.82 -22.48
C ILE B 383 -13.73 10.50 -22.81
N VAL B 384 -12.83 11.48 -22.68
CA VAL B 384 -11.42 11.21 -22.82
C VAL B 384 -10.91 10.41 -21.62
N LEU B 385 -11.30 10.83 -20.42
CA LEU B 385 -10.89 10.11 -19.21
C LEU B 385 -11.48 8.71 -19.16
N ALA B 386 -12.69 8.52 -19.69
CA ALA B 386 -13.29 7.20 -19.74
C ALA B 386 -12.49 6.25 -20.61
N GLY B 387 -11.98 6.75 -21.74
CA GLY B 387 -11.14 5.92 -22.59
C GLY B 387 -9.81 5.56 -21.93
N ARG B 388 -9.26 6.49 -21.14
CA ARG B 388 -8.02 6.21 -20.43
C ARG B 388 -8.22 5.15 -19.36
N GLU B 389 -9.37 5.15 -18.70
CA GLU B 389 -9.67 4.14 -17.69
C GLU B 389 -9.78 2.76 -18.32
N MET B 390 -10.11 2.69 -19.61
CA MET B 390 -10.25 1.41 -20.29
C MET B 390 -8.94 0.62 -20.29
N THR B 391 -7.80 1.32 -20.23
CA THR B 391 -6.52 0.63 -20.13
C THR B 391 -6.41 -0.14 -18.83
N ARG B 392 -6.88 0.44 -17.72
CA ARG B 392 -6.91 -0.28 -16.45
C ARG B 392 -7.85 -1.46 -16.52
N LEU B 393 -9.02 -1.28 -17.15
CA LEU B 393 -9.95 -2.40 -17.32
C LEU B 393 -9.33 -3.49 -18.20
N ALA B 394 -8.47 -3.10 -19.14
CA ALA B 394 -7.76 -4.09 -19.94
C ALA B 394 -6.76 -4.88 -19.11
N GLY B 395 -6.16 -4.24 -18.10
CA GLY B 395 -5.27 -4.96 -17.21
C GLY B 395 -6.00 -5.95 -16.34
N PHE B 396 -7.19 -5.59 -15.86
CA PHE B 396 -7.93 -6.46 -14.96
C PHE B 396 -8.41 -7.72 -15.68
N THR B 397 -8.97 -7.57 -16.88
CA THR B 397 -9.46 -8.73 -17.60
C THR B 397 -8.34 -9.67 -18.03
N ALA B 398 -7.09 -9.20 -17.98
CA ALA B 398 -5.96 -10.10 -18.25
C ALA B 398 -5.72 -11.04 -17.08
N ARG B 399 -5.79 -10.52 -15.85
CA ARG B 399 -5.57 -11.37 -14.68
C ARG B 399 -6.75 -12.29 -14.43
N ILE B 400 -7.97 -11.82 -14.71
CA ILE B 400 -9.14 -12.67 -14.55
C ILE B 400 -9.14 -13.80 -15.56
N THR B 401 -8.76 -13.49 -16.81
CA THR B 401 -8.70 -14.54 -17.83
C THR B 401 -7.51 -15.45 -17.62
N GLU B 402 -6.41 -14.92 -17.07
CA GLU B 402 -5.29 -15.77 -16.69
C GLU B 402 -5.69 -16.73 -15.58
N LEU B 403 -6.39 -16.21 -14.56
CA LEU B 403 -6.87 -17.07 -13.47
C LEU B 403 -7.90 -18.07 -13.98
N MET B 404 -8.78 -17.63 -14.89
CA MET B 404 -9.79 -18.54 -15.42
C MET B 404 -9.16 -19.68 -16.21
N GLN B 405 -8.11 -19.38 -16.98
CA GLN B 405 -7.44 -20.42 -17.75
C GLN B 405 -6.66 -21.36 -16.85
N VAL B 406 -6.02 -20.83 -15.81
CA VAL B 406 -5.32 -21.67 -14.84
C VAL B 406 -6.31 -22.56 -14.09
N LEU B 407 -7.47 -22.01 -13.73
CA LEU B 407 -8.50 -22.81 -13.09
C LEU B 407 -8.94 -23.96 -14.00
N LYS B 408 -9.14 -23.68 -15.28
CA LYS B 408 -9.59 -24.72 -16.21
C LYS B 408 -8.46 -25.69 -16.55
N ASP B 409 -7.20 -25.24 -16.47
CA ASP B 409 -6.08 -26.13 -16.73
C ASP B 409 -5.95 -27.19 -15.64
N LEU B 410 -6.05 -26.78 -14.38
CA LEU B 410 -5.89 -27.71 -13.28
C LEU B 410 -7.09 -28.63 -13.10
N ASN B 411 -8.27 -28.21 -13.54
CA ASN B 411 -9.46 -29.06 -13.39
C ASN B 411 -9.32 -30.33 -14.21
N HIS B 412 -8.47 -30.33 -15.23
CA HIS B 412 -8.15 -31.54 -15.98
C HIS B 412 -6.78 -32.10 -15.64
N GLY B 413 -5.92 -31.31 -15.01
CA GLY B 413 -4.60 -31.74 -14.61
C GLY B 413 -3.51 -31.22 -15.52
N LYS B 414 -2.89 -30.12 -15.13
CA LYS B 414 -1.84 -29.45 -15.89
C LYS B 414 -1.10 -28.50 -14.96
N TYR B 415 0.16 -28.26 -15.28
CA TYR B 415 0.96 -27.27 -14.57
C TYR B 415 2.29 -27.02 -15.27
N PRO B 437 4.32 -36.14 -15.76
CA PRO B 437 3.09 -35.85 -15.05
C PRO B 437 1.89 -36.61 -15.63
N GLY B 438 1.23 -37.42 -14.80
CA GLY B 438 0.08 -38.17 -15.25
C GLY B 438 0.39 -39.43 -16.01
N ALA B 439 1.67 -39.81 -16.12
CA ALA B 439 2.03 -41.02 -16.83
C ALA B 439 1.45 -42.26 -16.14
N GLY B 440 1.50 -42.29 -14.81
CA GLY B 440 0.95 -43.42 -14.08
C GLY B 440 -0.56 -43.34 -13.96
N GLU B 441 -1.14 -44.47 -13.57
CA GLU B 441 -2.58 -44.60 -13.39
C GLU B 441 -2.88 -44.94 -11.94
N ILE B 442 -3.93 -44.31 -11.40
CA ILE B 442 -4.38 -44.53 -10.04
C ILE B 442 -5.79 -45.10 -10.13
N ILE B 443 -5.98 -46.30 -9.58
CA ILE B 443 -7.28 -46.97 -9.57
C ILE B 443 -7.71 -47.16 -8.13
N ILE B 444 -8.91 -46.70 -7.80
CA ILE B 444 -9.39 -46.76 -6.42
C ILE B 444 -9.67 -48.21 -6.03
N ALA B 445 -9.46 -48.51 -4.75
CA ALA B 445 -9.69 -49.84 -4.22
C ALA B 445 -9.89 -49.73 -2.72
N ASP B 446 -10.10 -50.86 -2.07
CA ASP B 446 -10.39 -50.92 -0.63
C ASP B 446 -9.27 -51.64 0.09
N ASN B 447 -8.70 -50.98 1.09
CA ASN B 447 -7.76 -51.53 2.07
C ASN B 447 -6.42 -51.96 1.48
N ILE B 448 -6.14 -51.70 0.21
CA ILE B 448 -4.88 -52.05 -0.42
C ILE B 448 -4.21 -50.77 -0.91
N ILE B 449 -2.93 -50.60 -0.54
CA ILE B 449 -2.21 -49.36 -0.82
C ILE B 449 -0.89 -49.68 -1.51
N LYS B 450 -0.86 -50.78 -2.25
CA LYS B 450 0.39 -51.29 -2.82
C LYS B 450 1.01 -50.29 -3.79
N PHE B 451 2.35 -50.31 -3.85
CA PHE B 451 3.11 -49.41 -4.69
C PHE B 451 3.98 -50.16 -5.70
N ASP B 452 3.41 -51.16 -6.38
CA ASP B 452 4.22 -51.99 -7.27
C ASP B 452 4.74 -51.18 -8.45
N HIS B 453 6.07 -51.11 -8.56
CA HIS B 453 6.77 -50.44 -9.66
C HIS B 453 6.27 -49.02 -9.86
N VAL B 454 6.46 -48.20 -8.83
CA VAL B 454 6.03 -46.80 -8.87
C VAL B 454 7.14 -45.94 -8.26
N PRO B 455 7.63 -44.93 -8.97
CA PRO B 455 8.62 -44.02 -8.37
C PRO B 455 7.95 -42.96 -7.52
N LEU B 456 8.78 -42.22 -6.79
CA LEU B 456 8.33 -41.17 -5.87
C LEU B 456 8.82 -39.80 -6.32
N ALA B 457 8.71 -39.51 -7.61
CA ALA B 457 9.34 -38.32 -8.17
C ALA B 457 8.65 -37.04 -7.69
N THR B 458 9.46 -36.09 -7.24
CA THR B 458 9.01 -34.72 -7.03
C THR B 458 8.50 -34.17 -8.37
N PRO B 459 7.38 -33.45 -8.38
CA PRO B 459 6.80 -33.05 -9.68
C PRO B 459 7.61 -32.01 -10.45
N ASN B 460 8.81 -31.66 -9.97
CA ASN B 460 9.77 -30.92 -10.76
C ASN B 460 10.67 -31.91 -11.51
N GLY B 461 11.77 -31.42 -12.05
CA GLY B 461 12.67 -32.28 -12.82
C GLY B 461 13.67 -33.05 -11.99
N ASP B 462 13.22 -33.64 -10.89
CA ASP B 462 14.08 -34.44 -10.01
C ASP B 462 13.36 -35.72 -9.60
N VAL B 463 14.15 -36.72 -9.23
CA VAL B 463 13.64 -37.98 -8.70
C VAL B 463 14.47 -38.35 -7.48
N LEU B 464 13.81 -38.54 -6.33
CA LEU B 464 14.51 -38.88 -5.10
C LEU B 464 14.46 -40.36 -4.75
N ILE B 465 13.49 -41.10 -5.28
CA ILE B 465 13.43 -42.55 -5.14
C ILE B 465 13.23 -43.14 -6.53
N ARG B 466 14.17 -44.00 -6.95
CA ARG B 466 14.13 -44.52 -8.31
C ARG B 466 12.91 -45.40 -8.55
N ASP B 467 12.61 -46.30 -7.61
CA ASP B 467 11.48 -47.20 -7.77
C ASP B 467 11.05 -47.70 -6.40
N LEU B 468 9.87 -47.27 -5.96
CA LEU B 468 9.28 -47.83 -4.74
C LEU B 468 8.43 -49.05 -5.09
N ASN B 469 8.47 -50.06 -4.22
CA ASN B 469 7.71 -51.28 -4.45
C ASN B 469 7.45 -51.94 -3.10
N PHE B 470 6.23 -51.78 -2.59
CA PHE B 470 5.84 -52.40 -1.33
C PHE B 470 4.32 -52.45 -1.26
N GLU B 471 3.82 -53.32 -0.39
CA GLU B 471 2.39 -53.41 -0.12
C GLU B 471 2.18 -53.64 1.37
N VAL B 472 1.08 -53.10 1.89
CA VAL B 472 0.70 -53.29 3.27
C VAL B 472 -0.76 -53.72 3.31
N ARG B 473 -1.14 -54.37 4.41
CA ARG B 473 -2.48 -54.89 4.58
C ARG B 473 -3.19 -54.13 5.70
N SER B 474 -4.51 -54.01 5.58
CA SER B 474 -5.32 -53.31 6.57
C SER B 474 -5.27 -54.07 7.88
N GLY B 475 -4.57 -53.52 8.86
CA GLY B 475 -4.41 -54.17 10.15
C GLY B 475 -2.97 -54.25 10.59
N ALA B 476 -2.05 -53.85 9.71
CA ALA B 476 -0.62 -53.89 9.99
C ALA B 476 -0.07 -52.47 9.91
N ASN B 477 0.33 -51.93 11.05
CA ASN B 477 0.91 -50.59 11.10
C ASN B 477 2.29 -50.58 10.45
N VAL B 478 2.65 -49.43 9.88
CA VAL B 478 3.93 -49.24 9.20
C VAL B 478 4.62 -48.03 9.81
N LEU B 479 5.89 -48.21 10.19
CA LEU B 479 6.71 -47.13 10.70
C LEU B 479 7.60 -46.60 9.58
N ILE B 480 7.65 -45.29 9.44
CA ILE B 480 8.49 -44.63 8.44
C ILE B 480 9.70 -44.02 9.14
N CYS B 481 10.90 -44.36 8.67
CA CYS B 481 12.14 -43.90 9.28
C CYS B 481 12.86 -42.94 8.34
N GLY B 482 14.05 -42.51 8.77
CA GLY B 482 14.80 -41.51 8.04
C GLY B 482 14.73 -40.17 8.74
N PRO B 483 15.71 -39.30 8.49
CA PRO B 483 15.70 -38.00 9.17
C PRO B 483 14.87 -36.95 8.44
N ASN B 484 13.69 -37.36 7.96
CA ASN B 484 12.68 -36.49 7.35
C ASN B 484 13.27 -35.37 6.50
N GLY B 485 14.28 -35.69 5.69
CA GLY B 485 14.97 -34.65 4.94
C GLY B 485 14.14 -34.04 3.81
N CYS B 486 13.93 -34.80 2.74
CA CYS B 486 13.10 -34.32 1.63
C CYS B 486 12.25 -35.40 1.00
N GLY B 487 12.27 -36.63 1.51
CA GLY B 487 11.53 -37.71 0.88
C GLY B 487 10.37 -38.21 1.71
N LYS B 488 10.42 -37.96 3.03
CA LYS B 488 9.31 -38.36 3.89
C LYS B 488 8.04 -37.62 3.54
N SER B 489 8.15 -36.31 3.30
CA SER B 489 6.98 -35.52 2.89
C SER B 489 6.86 -35.48 1.37
N SER B 490 6.99 -36.66 0.75
CA SER B 490 6.67 -36.85 -0.65
C SER B 490 5.92 -38.15 -0.91
N LEU B 491 6.07 -39.17 -0.06
CA LEU B 491 5.25 -40.36 -0.16
C LEU B 491 3.81 -40.06 0.19
N PHE B 492 3.59 -39.24 1.23
CA PHE B 492 2.25 -38.93 1.66
C PHE B 492 1.50 -38.08 0.65
N ARG B 493 2.19 -37.11 0.04
CA ARG B 493 1.53 -36.25 -0.95
C ARG B 493 1.08 -37.05 -2.16
N VAL B 494 1.90 -37.99 -2.61
CA VAL B 494 1.48 -38.89 -3.69
C VAL B 494 0.35 -39.78 -3.23
N LEU B 495 0.41 -40.22 -1.96
CA LEU B 495 -0.62 -41.12 -1.43
C LEU B 495 -1.98 -40.45 -1.41
N GLY B 496 -2.03 -39.18 -1.03
CA GLY B 496 -3.27 -38.45 -1.01
C GLY B 496 -3.69 -37.86 -2.33
N GLU B 497 -3.02 -38.25 -3.42
CA GLU B 497 -3.23 -37.71 -4.76
C GLU B 497 -2.96 -36.21 -4.82
N LEU B 498 -2.21 -35.68 -3.86
CA LEU B 498 -1.83 -34.28 -3.87
C LEU B 498 -0.72 -34.00 -4.87
N TRP B 499 -0.03 -35.03 -5.35
CA TRP B 499 1.07 -34.91 -6.30
C TRP B 499 0.88 -35.90 -7.44
N PRO B 500 1.39 -35.58 -8.62
CA PRO B 500 1.17 -36.46 -9.78
C PRO B 500 1.95 -37.76 -9.66
N LEU B 501 1.44 -38.78 -10.35
CA LEU B 501 2.08 -40.08 -10.39
C LEU B 501 3.01 -40.13 -11.60
N PHE B 502 4.29 -40.40 -11.35
CA PHE B 502 5.31 -40.40 -12.39
C PHE B 502 5.49 -41.80 -13.00
N GLY B 503 4.40 -42.39 -13.47
CA GLY B 503 4.44 -43.71 -14.05
C GLY B 503 4.20 -44.80 -13.03
N GLY B 504 3.73 -45.95 -13.53
CA GLY B 504 3.45 -47.10 -12.70
C GLY B 504 1.98 -47.24 -12.39
N ARG B 505 1.66 -48.37 -11.75
CA ARG B 505 0.29 -48.71 -11.37
C ARG B 505 0.14 -48.58 -9.86
N LEU B 506 -0.90 -47.86 -9.42
CA LEU B 506 -1.15 -47.61 -8.02
C LEU B 506 -2.59 -47.94 -7.67
N THR B 507 -2.78 -48.70 -6.59
CA THR B 507 -4.09 -48.98 -6.02
C THR B 507 -4.13 -48.42 -4.62
N LYS B 508 -5.19 -47.67 -4.31
CA LYS B 508 -5.31 -47.01 -3.02
C LYS B 508 -6.75 -46.53 -2.86
N PRO B 509 -7.22 -46.34 -1.63
CA PRO B 509 -8.56 -45.77 -1.43
C PRO B 509 -8.60 -44.30 -1.85
N GLU B 510 -9.80 -43.83 -2.15
CA GLU B 510 -9.99 -42.49 -2.70
C GLU B 510 -9.84 -41.45 -1.59
N ARG B 511 -10.20 -40.20 -1.92
CA ARG B 511 -9.83 -39.05 -1.09
C ARG B 511 -10.39 -39.14 0.32
N GLY B 512 -11.58 -39.69 0.49
CA GLY B 512 -12.25 -39.65 1.78
C GLY B 512 -11.71 -40.59 2.83
N LYS B 513 -10.83 -41.52 2.47
CA LYS B 513 -10.33 -42.53 3.40
C LYS B 513 -8.87 -42.36 3.79
N LEU B 514 -8.08 -41.59 3.03
CA LEU B 514 -6.71 -41.32 3.42
C LEU B 514 -6.69 -40.16 4.40
N PHE B 515 -5.97 -40.34 5.51
CA PHE B 515 -5.93 -39.36 6.58
C PHE B 515 -4.49 -39.00 6.91
N TYR B 516 -4.23 -37.73 7.15
CA TYR B 516 -2.89 -37.25 7.45
C TYR B 516 -2.97 -36.26 8.60
N VAL B 517 -2.26 -36.55 9.68
CA VAL B 517 -2.24 -35.73 10.89
C VAL B 517 -0.85 -35.15 11.04
N PRO B 518 -0.64 -33.86 10.79
CA PRO B 518 0.70 -33.28 10.87
C PRO B 518 1.14 -33.02 12.30
N GLN B 519 2.31 -32.37 12.45
CA GLN B 519 2.82 -32.09 13.79
C GLN B 519 1.89 -31.15 14.55
N ARG B 520 1.34 -30.14 13.89
CA ARG B 520 0.28 -29.32 14.47
C ARG B 520 -1.02 -29.61 13.73
N PRO B 521 -2.03 -30.10 14.42
CA PRO B 521 -3.29 -30.43 13.74
C PRO B 521 -4.00 -29.19 13.23
N TYR B 522 -4.88 -29.40 12.27
CA TYR B 522 -5.66 -28.34 11.65
C TYR B 522 -6.95 -28.14 12.44
N MET B 523 -7.17 -26.92 12.91
CA MET B 523 -8.39 -26.54 13.60
C MET B 523 -9.19 -25.60 12.72
N THR B 524 -10.50 -25.76 12.74
CA THR B 524 -11.38 -25.11 11.77
C THR B 524 -12.07 -23.90 12.40
N LEU B 525 -12.24 -22.86 11.59
CA LEU B 525 -12.98 -21.67 12.01
C LEU B 525 -14.41 -22.08 12.30
N GLY B 526 -14.78 -22.10 13.57
CA GLY B 526 -16.13 -22.49 13.94
C GLY B 526 -16.19 -22.92 15.39
N THR B 527 -17.25 -23.64 15.73
CA THR B 527 -17.49 -24.07 17.10
C THR B 527 -16.49 -25.14 17.51
N LEU B 528 -16.62 -25.60 18.75
CA LEU B 528 -15.82 -26.73 19.21
C LEU B 528 -16.33 -28.05 18.65
N ARG B 529 -17.62 -28.15 18.34
CA ARG B 529 -18.16 -29.38 17.77
C ARG B 529 -17.53 -29.68 16.42
N ASP B 530 -17.36 -28.65 15.58
CA ASP B 530 -16.85 -28.87 14.23
C ASP B 530 -15.35 -29.18 14.18
N GLN B 531 -14.65 -29.07 15.30
CA GLN B 531 -13.25 -29.48 15.33
C GLN B 531 -13.08 -30.98 15.47
N VAL B 532 -14.17 -31.72 15.66
CA VAL B 532 -14.12 -33.18 15.79
C VAL B 532 -14.65 -33.79 14.50
N ILE B 533 -15.49 -33.04 13.79
CA ILE B 533 -16.20 -33.57 12.63
C ILE B 533 -15.92 -32.73 11.39
N TYR B 534 -14.75 -32.09 11.34
CA TYR B 534 -14.49 -30.99 10.41
C TYR B 534 -14.90 -31.28 8.97
N PRO B 535 -14.31 -32.27 8.28
CA PRO B 535 -14.67 -32.46 6.86
C PRO B 535 -16.11 -32.88 6.64
N ASP B 536 -16.86 -33.10 7.71
CA ASP B 536 -18.31 -33.30 7.64
C ASP B 536 -19.02 -32.06 8.18
N GLY B 537 -20.27 -31.92 7.78
CA GLY B 537 -21.08 -30.80 8.25
C GLY B 537 -22.08 -31.23 9.29
N ARG B 538 -22.54 -30.29 10.11
CA ARG B 538 -23.58 -30.62 11.09
C ARG B 538 -24.87 -31.05 10.40
N GLU B 539 -25.13 -30.53 9.20
CA GLU B 539 -26.29 -30.98 8.44
C GLU B 539 -26.17 -32.44 8.06
N ASP B 540 -24.98 -32.87 7.66
CA ASP B 540 -24.72 -34.27 7.35
C ASP B 540 -24.18 -35.05 8.53
N GLN B 541 -24.05 -34.42 9.70
CA GLN B 541 -23.63 -35.16 10.89
C GLN B 541 -24.75 -36.04 11.42
N LYS B 542 -26.00 -35.63 11.21
CA LYS B 542 -27.13 -36.43 11.71
C LYS B 542 -27.37 -37.68 10.87
N ARG B 543 -27.06 -37.62 9.57
CA ARG B 543 -27.32 -38.76 8.70
C ARG B 543 -26.46 -39.97 9.01
N LYS B 544 -25.42 -39.80 9.83
CA LYS B 544 -24.60 -40.92 10.27
C LYS B 544 -25.11 -41.56 11.55
N GLY B 545 -26.25 -41.13 12.06
CA GLY B 545 -26.79 -41.67 13.30
C GLY B 545 -25.94 -41.38 14.51
N ILE B 546 -25.42 -40.16 14.61
CA ILE B 546 -24.55 -39.78 15.71
C ILE B 546 -25.23 -38.68 16.52
N SER B 547 -24.78 -38.53 17.77
CA SER B 547 -25.31 -37.51 18.67
C SER B 547 -24.16 -36.88 19.44
N ASP B 548 -24.41 -35.68 19.97
CA ASP B 548 -23.38 -34.97 20.72
C ASP B 548 -22.88 -35.77 21.90
N LEU B 549 -23.71 -36.65 22.46
CA LEU B 549 -23.25 -37.55 23.51
C LEU B 549 -22.18 -38.48 22.99
N VAL B 550 -22.36 -39.01 21.78
CA VAL B 550 -21.35 -39.89 21.20
C VAL B 550 -20.09 -39.10 20.87
N LEU B 551 -20.24 -37.84 20.44
CA LEU B 551 -19.07 -36.99 20.23
C LEU B 551 -18.30 -36.78 21.53
N LYS B 552 -19.01 -36.56 22.63
CA LYS B 552 -18.35 -36.44 23.92
C LYS B 552 -17.65 -37.73 24.30
N GLU B 553 -18.30 -38.88 24.05
CA GLU B 553 -17.68 -40.16 24.33
C GLU B 553 -16.39 -40.35 23.52
N TYR B 554 -16.42 -39.95 22.25
CA TYR B 554 -15.20 -39.97 21.44
C TYR B 554 -14.13 -39.06 22.03
N LEU B 555 -14.56 -37.89 22.51
CA LEU B 555 -13.62 -36.97 23.16
C LEU B 555 -13.14 -37.50 24.50
N ASP B 556 -13.87 -38.43 25.11
CA ASP B 556 -13.45 -38.99 26.40
C ASP B 556 -12.29 -39.96 26.25
N ASN B 557 -12.29 -40.75 25.17
CA ASN B 557 -11.26 -41.76 24.97
C ASN B 557 -9.88 -41.18 24.79
N VAL B 558 -9.76 -39.89 24.50
CA VAL B 558 -8.47 -39.25 24.24
C VAL B 558 -7.91 -38.56 25.49
N GLN B 559 -8.52 -38.81 26.65
CA GLN B 559 -8.08 -38.22 27.92
C GLN B 559 -8.14 -36.69 27.88
N LEU B 560 -9.18 -36.16 27.24
CA LEU B 560 -9.39 -34.72 27.16
C LEU B 560 -10.89 -34.47 27.14
N GLY B 561 -11.47 -34.18 28.30
CA GLY B 561 -12.91 -33.98 28.38
C GLY B 561 -13.30 -32.74 29.16
N HIS B 562 -12.32 -32.05 29.75
CA HIS B 562 -12.62 -30.87 30.54
C HIS B 562 -12.74 -29.61 29.70
N ILE B 563 -12.18 -29.60 28.49
CA ILE B 563 -12.24 -28.41 27.64
C ILE B 563 -13.67 -28.15 27.19
N LEU B 564 -14.48 -29.19 27.02
CA LEU B 564 -15.83 -29.02 26.50
C LEU B 564 -16.66 -28.10 27.38
N GLU B 565 -16.66 -28.35 28.69
CA GLU B 565 -17.48 -27.57 29.61
C GLU B 565 -16.78 -26.33 30.13
N ARG B 566 -15.51 -26.12 29.77
CA ARG B 566 -14.79 -24.94 30.20
C ARG B 566 -14.95 -23.78 29.22
N GLU B 567 -14.95 -24.06 27.92
CA GLU B 567 -15.00 -23.00 26.91
C GLU B 567 -16.41 -22.50 26.64
N GLY B 568 -17.44 -23.23 27.05
CA GLY B 568 -18.80 -22.77 26.82
C GLY B 568 -19.71 -23.81 26.20
N GLY B 569 -19.25 -25.05 26.12
CA GLY B 569 -20.07 -26.12 25.58
C GLY B 569 -19.67 -26.55 24.18
N TRP B 570 -20.61 -27.14 23.46
CA TRP B 570 -20.37 -27.63 22.10
C TRP B 570 -20.42 -26.52 21.06
N ASP B 571 -20.58 -25.26 21.47
CA ASP B 571 -20.71 -24.17 20.52
C ASP B 571 -19.75 -23.02 20.78
N SER B 572 -18.67 -23.25 21.53
CA SER B 572 -17.68 -22.21 21.75
C SER B 572 -16.98 -21.89 20.43
N VAL B 573 -16.91 -20.60 20.10
CA VAL B 573 -16.62 -20.19 18.73
C VAL B 573 -15.17 -19.75 18.55
N GLN B 574 -14.54 -19.27 19.62
CA GLN B 574 -13.22 -18.64 19.51
C GLN B 574 -12.20 -19.59 18.88
N ASP B 575 -11.22 -19.00 18.21
CA ASP B 575 -10.25 -19.77 17.43
C ASP B 575 -9.44 -20.69 18.35
N TRP B 576 -9.08 -21.85 17.82
CA TRP B 576 -8.46 -22.90 18.61
C TRP B 576 -6.96 -23.06 18.32
N MET B 577 -6.38 -22.21 17.49
CA MET B 577 -4.93 -22.18 17.35
C MET B 577 -4.25 -21.36 18.43
N ASP B 578 -5.01 -20.64 19.25
CA ASP B 578 -4.48 -19.83 20.33
C ASP B 578 -4.94 -20.27 21.71
N VAL B 579 -6.23 -20.59 21.87
CA VAL B 579 -6.71 -21.07 23.16
C VAL B 579 -6.10 -22.42 23.50
N LEU B 580 -5.85 -23.26 22.50
CA LEU B 580 -5.16 -24.52 22.68
C LEU B 580 -3.70 -24.33 22.28
N SER B 581 -2.79 -24.66 23.19
CA SER B 581 -1.36 -24.52 22.95
C SER B 581 -0.66 -25.71 23.61
N GLY B 582 -0.45 -26.77 22.83
CA GLY B 582 0.19 -27.97 23.35
C GLY B 582 -0.45 -29.26 22.87
N GLY B 583 -0.65 -30.20 23.79
CA GLY B 583 -1.20 -31.50 23.44
C GLY B 583 -2.69 -31.55 23.20
N GLU B 584 -3.41 -30.47 23.51
CA GLU B 584 -4.85 -30.46 23.29
C GLU B 584 -5.18 -30.56 21.80
N LYS B 585 -4.39 -29.91 20.96
CA LYS B 585 -4.60 -30.00 19.51
C LYS B 585 -4.41 -31.44 19.03
N GLN B 586 -3.36 -32.11 19.51
CA GLN B 586 -3.14 -33.51 19.13
C GLN B 586 -4.28 -34.39 19.64
N ARG B 587 -4.76 -34.12 20.85
CA ARG B 587 -5.88 -34.89 21.39
C ARG B 587 -7.14 -34.70 20.55
N MET B 588 -7.42 -33.47 20.12
CA MET B 588 -8.58 -33.23 19.27
C MET B 588 -8.40 -33.87 17.89
N ALA B 589 -7.17 -33.87 17.37
CA ALA B 589 -6.92 -34.55 16.11
C ALA B 589 -7.17 -36.05 16.23
N MET B 590 -6.74 -36.65 17.35
CA MET B 590 -7.00 -38.07 17.56
C MET B 590 -8.49 -38.33 17.75
N ALA B 591 -9.21 -37.40 18.38
CA ALA B 591 -10.66 -37.54 18.48
C ALA B 591 -11.32 -37.50 17.11
N ARG B 592 -10.88 -36.59 16.24
CA ARG B 592 -11.42 -36.53 14.89
C ARG B 592 -11.09 -37.82 14.11
N LEU B 593 -9.87 -38.32 14.27
CA LEU B 593 -9.49 -39.58 13.66
C LEU B 593 -10.39 -40.72 14.12
N PHE B 594 -10.65 -40.78 15.43
CA PHE B 594 -11.53 -41.81 15.98
C PHE B 594 -12.95 -41.68 15.42
N TYR B 595 -13.46 -40.45 15.34
CA TYR B 595 -14.82 -40.24 14.89
C TYR B 595 -15.00 -40.63 13.42
N HIS B 596 -14.06 -40.20 12.57
CA HIS B 596 -14.25 -40.40 11.13
C HIS B 596 -14.03 -41.86 10.72
N LYS B 597 -13.20 -42.59 11.44
CA LYS B 597 -12.93 -44.00 11.17
C LYS B 597 -12.46 -44.23 9.74
N PRO B 598 -11.29 -43.72 9.37
CA PRO B 598 -10.79 -43.89 8.00
C PRO B 598 -10.18 -45.27 7.81
N GLN B 599 -9.62 -45.48 6.62
CA GLN B 599 -8.94 -46.73 6.31
C GLN B 599 -7.45 -46.66 6.65
N PHE B 600 -6.80 -45.55 6.29
CA PHE B 600 -5.39 -45.35 6.57
C PHE B 600 -5.18 -43.95 7.14
N ALA B 601 -4.23 -43.83 8.06
CA ALA B 601 -3.91 -42.56 8.68
C ALA B 601 -2.41 -42.40 8.79
N ILE B 602 -1.94 -41.16 8.65
CA ILE B 602 -0.53 -40.82 8.79
C ILE B 602 -0.36 -40.02 10.07
N LEU B 603 0.62 -40.41 10.87
CA LEU B 603 0.84 -39.79 12.17
C LEU B 603 2.18 -39.08 12.19
N ASP B 604 2.47 -38.31 11.13
CA ASP B 604 3.78 -37.71 10.93
C ASP B 604 4.12 -36.72 12.04
N GLU B 605 5.04 -37.13 12.92
CA GLU B 605 5.57 -36.35 14.03
C GLU B 605 4.49 -35.53 14.75
N CYS B 606 3.31 -36.12 14.95
CA CYS B 606 2.23 -35.44 15.63
C CYS B 606 2.28 -35.65 17.13
N THR B 607 2.38 -36.92 17.55
CA THR B 607 2.35 -37.28 18.97
C THR B 607 3.69 -36.90 19.60
N SER B 608 3.83 -35.61 19.92
CA SER B 608 5.02 -35.10 20.59
C SER B 608 4.72 -34.45 21.93
N ALA B 609 3.46 -34.21 22.26
CA ALA B 609 3.06 -33.64 23.54
C ALA B 609 1.94 -34.47 24.18
N VAL B 610 2.00 -35.78 23.99
CA VAL B 610 0.96 -36.70 24.47
C VAL B 610 1.62 -37.76 25.34
N SER B 611 1.02 -38.02 26.50
CA SER B 611 1.57 -39.01 27.42
C SER B 611 1.57 -40.40 26.80
N VAL B 612 2.55 -41.21 27.20
CA VAL B 612 2.74 -42.53 26.59
C VAL B 612 1.54 -43.43 26.84
N ASP B 613 0.85 -43.27 27.98
CA ASP B 613 -0.36 -44.03 28.21
C ASP B 613 -1.43 -43.69 27.19
N VAL B 614 -1.57 -42.40 26.85
CA VAL B 614 -2.53 -42.00 25.84
C VAL B 614 -2.11 -42.53 24.48
N GLU B 615 -0.81 -42.57 24.19
CA GLU B 615 -0.32 -43.14 22.95
C GLU B 615 -0.70 -44.61 22.84
N GLY B 616 -0.48 -45.36 23.90
CA GLY B 616 -0.85 -46.77 23.90
C GLY B 616 -2.35 -46.97 23.74
N TYR B 617 -3.14 -46.13 24.42
CA TYR B 617 -4.59 -46.22 24.29
C TYR B 617 -5.03 -45.93 22.85
N ILE B 618 -4.44 -44.91 22.22
CA ILE B 618 -4.80 -44.56 20.85
C ILE B 618 -4.43 -45.69 19.91
N TYR B 619 -3.23 -46.25 20.06
CA TYR B 619 -2.82 -47.35 19.19
C TYR B 619 -3.71 -48.57 19.38
N SER B 620 -4.04 -48.90 20.63
CA SER B 620 -4.90 -50.05 20.88
C SER B 620 -6.30 -49.85 20.32
N HIS B 621 -6.85 -48.65 20.48
CA HIS B 621 -8.18 -48.37 19.93
C HIS B 621 -8.17 -48.43 18.41
N CYS B 622 -7.14 -47.87 17.78
CA CYS B 622 -7.04 -47.93 16.32
C CYS B 622 -6.91 -49.36 15.83
N ARG B 623 -6.11 -50.18 16.52
CA ARG B 623 -5.97 -51.58 16.14
C ARG B 623 -7.29 -52.33 16.32
N LYS B 624 -8.01 -52.07 17.42
CA LYS B 624 -9.28 -52.75 17.64
C LYS B 624 -10.31 -52.38 16.59
N VAL B 625 -10.45 -51.08 16.30
CA VAL B 625 -11.39 -50.66 15.27
C VAL B 625 -10.88 -51.05 13.89
N GLY B 626 -9.59 -50.88 13.65
CA GLY B 626 -9.00 -51.26 12.38
C GLY B 626 -8.54 -50.10 11.53
N ILE B 627 -8.07 -49.04 12.19
CA ILE B 627 -7.53 -47.87 11.49
C ILE B 627 -6.03 -48.07 11.33
N THR B 628 -5.61 -48.44 10.12
CA THR B 628 -4.19 -48.63 9.86
C THR B 628 -3.45 -47.30 9.95
N LEU B 629 -2.29 -47.32 10.60
CA LEU B 629 -1.55 -46.10 10.90
C LEU B 629 -0.18 -46.13 10.23
N PHE B 630 0.21 -45.00 9.68
CA PHE B 630 1.53 -44.79 9.08
C PHE B 630 2.29 -43.86 10.01
N THR B 631 3.00 -44.45 10.98
CA THR B 631 3.58 -43.69 12.07
C THR B 631 4.97 -43.20 11.73
N VAL B 632 5.22 -41.92 11.96
CA VAL B 632 6.53 -41.31 11.82
C VAL B 632 6.94 -40.84 13.21
N SER B 633 8.03 -41.40 13.74
CA SER B 633 8.48 -41.05 15.08
C SER B 633 9.97 -41.28 15.20
N HIS B 634 10.59 -40.62 16.17
CA HIS B 634 12.00 -40.77 16.47
C HIS B 634 12.24 -41.47 17.80
N ARG B 635 11.20 -42.02 18.42
CA ARG B 635 11.31 -42.70 19.71
C ARG B 635 11.43 -44.20 19.48
N LYS B 636 12.44 -44.82 20.10
CA LYS B 636 12.68 -46.24 19.92
C LYS B 636 11.66 -47.10 20.67
N SER B 637 10.98 -46.54 21.66
CA SER B 637 9.99 -47.32 22.41
C SER B 637 8.75 -47.61 21.57
N LEU B 638 8.44 -46.76 20.61
CA LEU B 638 7.25 -46.92 19.77
C LEU B 638 7.57 -47.83 18.58
N TRP B 639 7.87 -49.10 18.90
CA TRP B 639 8.24 -50.07 17.87
C TRP B 639 7.61 -51.44 18.09
N LYS B 640 6.60 -51.56 18.96
CA LYS B 640 6.06 -52.86 19.32
C LYS B 640 4.68 -53.13 18.73
N HIS B 641 4.05 -52.14 18.08
CA HIS B 641 2.72 -52.29 17.52
C HIS B 641 2.70 -52.04 16.02
N HIS B 642 3.81 -52.31 15.35
CA HIS B 642 3.92 -52.11 13.91
C HIS B 642 4.43 -53.41 13.29
N GLU B 643 3.54 -54.10 12.57
CA GLU B 643 3.91 -55.37 11.95
C GLU B 643 4.98 -55.17 10.88
N TYR B 644 4.84 -54.14 10.05
CA TYR B 644 5.80 -53.84 9.00
C TYR B 644 6.67 -52.67 9.42
N TYR B 645 7.65 -52.34 8.57
CA TYR B 645 8.58 -51.25 8.85
C TYR B 645 9.25 -50.84 7.55
N LEU B 646 9.13 -49.56 7.20
CA LEU B 646 9.72 -49.00 5.99
C LEU B 646 10.78 -47.98 6.40
N HIS B 647 11.92 -48.03 5.72
CA HIS B 647 13.04 -47.13 6.02
C HIS B 647 13.43 -46.40 4.74
N MET B 648 13.45 -45.07 4.81
CA MET B 648 13.89 -44.23 3.71
C MET B 648 15.25 -43.65 4.09
N ASP B 649 16.32 -44.27 3.56
CA ASP B 649 17.68 -43.83 3.89
C ASP B 649 18.00 -42.47 3.30
N GLY B 650 17.25 -42.02 2.30
CA GLY B 650 17.51 -40.75 1.66
C GLY B 650 18.59 -40.78 0.60
N ARG B 651 19.17 -41.94 0.31
CA ARG B 651 20.21 -42.05 -0.70
C ARG B 651 19.67 -42.38 -2.09
N GLY B 652 18.47 -42.93 -2.18
CA GLY B 652 17.88 -43.30 -3.45
C GLY B 652 17.18 -44.63 -3.41
N ASN B 653 17.42 -45.41 -2.37
CA ASN B 653 16.81 -46.71 -2.19
C ASN B 653 15.96 -46.71 -0.93
N TYR B 654 15.44 -47.88 -0.56
CA TYR B 654 14.58 -48.00 0.62
C TYR B 654 14.70 -49.42 1.17
N GLU B 655 14.33 -49.56 2.43
CA GLU B 655 14.32 -50.86 3.12
C GLU B 655 12.91 -51.10 3.65
N PHE B 656 12.26 -52.14 3.14
CA PHE B 656 10.90 -52.48 3.57
C PHE B 656 10.86 -53.86 4.22
C10 A1L1A C . -16.47 33.65 7.75
C13 A1L1A C . -15.11 31.28 8.20
C15 A1L1A C . -17.16 28.62 8.90
C17 A1L1A C . -18.32 26.42 9.41
C20 A1L1A C . -19.59 24.23 10.37
C3P A1L1A C . -20.99 22.14 6.94
C5P A1L1A C . -20.85 23.81 4.93
C6P A1L1A C . -20.97 22.81 3.83
C01 A1L1A C . -15.75 41.03 5.41
C02 A1L1A C . -16.75 41.27 6.54
C03 A1L1A C . -17.76 42.34 6.12
C04 A1L1A C . -17.33 40.01 7.20
C05 A1L1A C . -16.37 38.84 7.46
C06 A1L1A C . -17.03 37.57 8.03
C07 A1L1A C . -16.59 36.19 7.45
C08 A1L1A C . -15.14 35.92 7.72
C09 A1L1A C . -17.26 34.95 8.04
C11 A1L1A C . -17.34 32.39 7.92
C12 A1L1A C . -16.61 31.04 8.02
C14 A1L1A C . -17.20 30.14 9.14
C16 A1L1A C . -17.86 27.77 9.96
C18 A1L1A C . -17.32 26.02 8.33
C19 A1L1A C . -18.47 25.31 10.49
C2P A1L1A C . -20.52 22.06 8.40
C7P A1L1A C . -21.80 23.43 2.74
C9P A1L1A C . -21.27 24.45 0.50
CAP A1L1A C . -22.55 24.09 -0.30
CBP A1L1A C . -22.41 23.42 -1.64
CEP A1L1A C . -22.38 21.93 -1.33
CDP A1L1A C . -21.20 23.97 -2.37
CCP A1L1A C . -23.69 23.82 -2.33
C5B A1L1A C . -25.14 28.51 -3.89
C4B A1L1A C . -26.20 29.11 -4.71
C3B A1L1A C . -26.76 28.32 -5.90
C2B A1L1A C . -27.53 29.22 -6.44
C1B A1L1A C . -26.78 30.60 -6.06
C8A A1L1A C . -25.52 30.22 -8.08
C5A A1L1A C . -26.57 31.47 -9.37
C6A A1L1A C . -27.04 32.25 -10.41
C2A A1L1A C . -28.56 33.17 -8.99
C4A A1L1A C . -27.12 31.58 -8.15
N4P A1L1A C . -20.86 23.46 6.32
N8P A1L1A C . -20.93 24.17 1.87
N9A A1L1A C . -26.38 30.84 -7.32
N7A A1L1A C . -25.57 30.60 -9.30
N1A A1L1A C . -28.02 33.09 -10.18
N3A A1L1A C . -28.10 32.45 -8.01
N6A A1L1A C . -26.43 32.15 -11.71
O21 A1L1A C . -19.95 23.63 11.31
O5P A1L1A C . -20.72 24.91 4.63
O9P A1L1A C . -20.44 25.04 0.00
O6A A1L1A C . -23.95 23.26 -3.58
O5A A1L1A C . -22.19 22.88 -5.00
O4A A1L1A C . -24.35 23.73 -5.93
O3A A1L1A C . -23.09 25.40 -4.34
O1A A1L1A C . -24.35 26.41 -2.45
O2A A1L1A C . -25.47 25.21 -4.21
O5B A1L1A C . -24.60 27.54 -4.64
O4B A1L1A C . -25.72 30.27 -5.45
O2B A1L1A C . -28.11 29.00 -7.75
O3B A1L1A C . -25.82 27.90 -6.80
O7A A1L1A C . -26.19 25.34 -6.63
O8A A1L1A C . -23.96 26.15 -6.64
O9A A1L1A C . -25.44 26.43 -8.60
OAP A1L1A C . -23.70 23.54 0.29
P2A A1L1A C . -23.30 23.90 -4.89
P1A A1L1A C . -24.43 26.17 -3.90
P3B A1L1A C . -25.34 26.42 -7.12
S1P A1L1A C . -20.49 23.78 8.88
C10 A1L1A D . -18.32 12.82 -30.99
C13 A1L1A D . -16.67 11.19 -29.49
C15 A1L1A D . -13.40 12.23 -29.36
C17 A1L1A D . -10.90 12.65 -29.00
C20 A1L1A D . -8.20 13.02 -28.98
C3P A1L1A D . -7.52 15.85 -25.92
C5P A1L1A D . -9.75 17.02 -25.30
C6P A1L1A D . -9.29 17.64 -24.04
C01 A1L1A D . -25.73 14.25 -33.09
C02 A1L1A D . -25.07 14.46 -34.44
C03 A1L1A D . -25.75 15.65 -35.15
C04 A1L1A D . -23.53 14.44 -34.45
C05 A1L1A D . -22.82 13.40 -33.59
C06 A1L1A D . -21.27 13.50 -33.57
C07 A1L1A D . -20.52 13.30 -32.22
C08 A1L1A D . -20.69 11.92 -31.67
C09 A1L1A D . -19.01 13.45 -32.24
C11 A1L1A D . -16.86 13.31 -30.79
C12 A1L1A D . -15.97 12.50 -29.85
C14 A1L1A D . -14.54 12.28 -30.40
C16 A1L1A D . -11.98 12.10 -29.94
C18 A1L1A D . -11.36 12.41 -27.58
C19 A1L1A D . -9.46 12.13 -29.27
C2P A1L1A D . -7.01 14.67 -26.72
C7P A1L1A D . -9.98 18.97 -23.87
C9P A1L1A D . -12.18 19.49 -22.70
CAP A1L1A D . -11.99 20.87 -22.14
CBP A1L1A D . -12.07 21.19 -20.68
CEP A1L1A D . -10.62 21.37 -20.20
CDP A1L1A D . -12.90 20.26 -19.78
CCP A1L1A D . -12.87 22.46 -20.76
C5B A1L1A D . -15.82 25.83 -23.24
C4B A1L1A D . -16.21 27.23 -23.40
C3B A1L1A D . -15.93 28.22 -22.28
C2B A1L1A D . -16.53 29.26 -22.78
C1B A1L1A D . -17.77 28.67 -23.59
C8A A1L1A D . -18.71 28.66 -21.41
C5A A1L1A D . -19.87 30.38 -21.59
C6A A1L1A D . -20.76 31.43 -21.47
C2A A1L1A D . -20.36 31.99 -23.64
C4A A1L1A D . -19.24 30.18 -22.78
N4P A1L1A D . -8.92 16.20 -26.14
N8P A1L1A D . -11.31 18.64 -23.47
N9A A1L1A D . -18.67 29.06 -22.64
N7A A1L1A D . -19.50 29.43 -20.74
N1A A1L1A D . -20.97 32.21 -22.50
N3A A1L1A D . -19.53 31.01 -23.75
N6A A1L1A D . -21.42 31.65 -20.22
O21 A1L1A D . -7.14 12.80 -29.42
O5P A1L1A D . -10.85 17.20 -25.61
O9P A1L1A D . -13.17 19.03 -22.48
O6A A1L1A D . -12.00 23.50 -20.90
O5A A1L1A D . -11.81 24.31 -18.52
O4A A1L1A D . -11.67 25.92 -20.36
O3A A1L1A D . -13.87 25.02 -19.98
O1A A1L1A D . -13.52 24.88 -22.38
O2A A1L1A D . -13.81 27.02 -21.14
O5B A1L1A D . -15.74 25.59 -21.92
O4B A1L1A D . -17.67 27.41 -23.48
O2B A1L1A D . -16.64 30.56 -22.14
O3B A1L1A D . -16.19 27.86 -20.96
O7A A1L1A D . -14.52 28.69 -19.37
O8A A1L1A D . -16.68 28.52 -18.47
O9A A1L1A D . -16.34 30.24 -20.15
OAP A1L1A D . -11.09 21.74 -22.74
P2A A1L1A D . -12.31 24.71 -19.88
P1A A1L1A D . -14.27 25.67 -21.39
P3B A1L1A D . -15.95 28.86 -19.71
S1P A1L1A D . -8.25 14.52 -28.00
#